data_2FUN
#
_entry.id   2FUN
#
_cell.length_a   99.970
_cell.length_b   117.340
_cell.length_c   346.450
_cell.angle_alpha   90.00
_cell.angle_beta   90.00
_cell.angle_gamma   90.00
#
_symmetry.space_group_name_H-M   'C 2 2 21'
#
loop_
_entity.id
_entity.type
_entity.pdbx_description
1 polymer 'Early 35 kDa protein'
2 polymer caspase-8
3 water water
#
loop_
_entity_poly.entity_id
_entity_poly.type
_entity_poly.pdbx_seq_one_letter_code
_entity_poly.pdbx_strand_id
1 'polypeptide(L)'
;CVIFPVEIDVSQTIIRDCQVDKQTRELVYINKIMNTQLTKPVLMMFNISGPIRSVTRKNNNLRDRIKSKVDEQFDQLERD
YSDQMDGFHDSIKYFKDEHYSVSCQNGSVLKSKFAKILKSHDYTDKKSIEAYEKYCLPKLVDERNDYYVAVCVLKPGFEN
GSNQVLSFEYNPIGNKVIVPFAHEINDTGLYEYDVVAYVDSVQFDGEQFEEFVQSLILPSSFKNSEKVLYYNEASKNKSM
IYKALEFTTESSWGKSEKYNWKIFCNGFIYDKKSKVLYVKLHNVTSALNKNVILNTIK
;
A,C
2 'polypeptide(L)'
;LDKVYQMKSKPRGYCLIINNHNFAKAREKVPKLHSIRDRNGTHLDAGALTTTFEELHFEIKPHHDCTVEQIYEILKIYQL
MDHSNMDCFICCILSHGDKGIIYGTDGQEAPIYELTSQFTGLKCPSLAGKPKVFFIQACQGDNYQKGIPVETDSEEQPYL
EMDLSSPQTRYIPDEADFLLGMATVNNCVSYRNPAEGTWYIQSLCQSLRERCPRGDDILTILTEVNYEVSNKDDKKNMGK
QMPQPTFTLRKKLVFPSD
;
B,D
#
# COMPACT_ATOMS: atom_id res chain seq x y z
N CYS A 1 19.32 24.37 -9.36
CA CYS A 1 20.74 23.92 -9.39
C CYS A 1 21.36 24.28 -10.77
N VAL A 2 21.10 25.48 -11.30
CA VAL A 2 21.66 25.93 -12.60
C VAL A 2 20.68 26.87 -13.24
N ILE A 3 21.15 28.01 -13.75
CA ILE A 3 20.24 28.99 -14.35
C ILE A 3 20.73 29.61 -15.66
N PHE A 4 21.70 28.97 -16.31
CA PHE A 4 22.25 29.46 -17.58
C PHE A 4 21.72 28.68 -18.80
N PRO A 5 20.47 28.15 -18.76
CA PRO A 5 20.00 27.42 -19.94
C PRO A 5 19.39 28.25 -21.06
N VAL A 6 18.40 27.65 -21.71
CA VAL A 6 17.64 28.22 -22.81
C VAL A 6 17.70 29.75 -22.99
N GLU A 7 18.17 30.18 -24.16
CA GLU A 7 18.27 31.59 -24.48
C GLU A 7 18.19 31.77 -25.99
N ILE A 8 19.06 32.61 -26.56
CA ILE A 8 19.07 32.84 -28.00
C ILE A 8 19.61 31.60 -28.72
N ASP A 9 18.88 30.48 -28.57
CA ASP A 9 19.23 29.22 -29.19
C ASP A 9 18.05 28.25 -29.14
N VAL A 10 17.18 28.44 -28.14
CA VAL A 10 16.02 27.60 -27.97
C VAL A 10 14.87 28.06 -28.87
N SER A 11 14.78 27.47 -30.05
CA SER A 11 13.74 27.81 -31.01
C SER A 11 13.57 26.78 -32.11
N GLN A 12 12.81 25.74 -31.78
CA GLN A 12 12.49 24.68 -32.71
C GLN A 12 11.19 25.17 -33.34
N THR A 13 10.08 24.60 -32.91
CA THR A 13 8.77 24.97 -33.41
C THR A 13 7.75 24.30 -32.53
N ILE A 14 6.83 25.07 -32.00
CA ILE A 14 5.82 24.52 -31.12
C ILE A 14 4.44 24.79 -31.65
N ILE A 15 3.68 23.74 -31.93
CA ILE A 15 2.31 23.88 -32.43
C ILE A 15 1.30 23.07 -31.63
N ARG A 16 0.23 23.75 -31.25
CA ARG A 16 -0.86 23.12 -30.52
C ARG A 16 -2.13 23.47 -31.27
N ASP A 17 -3.01 22.48 -31.40
CA ASP A 17 -4.27 22.66 -32.10
C ASP A 17 -5.33 21.89 -31.32
N CYS A 18 -6.20 22.61 -30.64
CA CYS A 18 -7.24 21.98 -29.86
C CYS A 18 -8.61 22.49 -30.27
N GLN A 19 -9.62 21.66 -30.03
CA GLN A 19 -10.99 22.00 -30.37
C GLN A 19 -11.59 22.80 -29.22
N VAL A 20 -11.99 24.03 -29.51
CA VAL A 20 -12.58 24.91 -28.51
C VAL A 20 -14.08 24.68 -28.26
N ASP A 21 -14.83 24.43 -29.33
CA ASP A 21 -16.27 24.17 -29.21
C ASP A 21 -16.69 23.19 -30.29
N LYS A 22 -17.97 23.19 -30.66
CA LYS A 22 -18.45 22.30 -31.70
C LYS A 22 -17.61 22.46 -32.96
N GLN A 23 -17.81 23.54 -33.72
CA GLN A 23 -17.05 23.73 -34.95
C GLN A 23 -16.02 24.86 -34.88
N THR A 24 -15.16 24.79 -33.87
CA THR A 24 -14.13 25.80 -33.71
C THR A 24 -12.92 25.22 -33.02
N ARG A 25 -11.75 25.50 -33.60
CA ARG A 25 -10.49 25.04 -33.04
C ARG A 25 -9.60 26.27 -32.95
N GLU A 26 -8.58 26.20 -32.09
CA GLU A 26 -7.63 27.28 -31.94
C GLU A 26 -6.27 26.67 -32.26
N LEU A 27 -5.46 27.41 -33.02
CA LEU A 27 -4.13 26.97 -33.41
C LEU A 27 -3.06 27.91 -32.87
N VAL A 28 -2.14 27.37 -32.06
CA VAL A 28 -1.06 28.17 -31.50
C VAL A 28 0.21 27.79 -32.26
N TYR A 29 0.90 28.80 -32.79
CA TYR A 29 2.11 28.58 -33.58
C TYR A 29 3.31 29.42 -33.11
N ILE A 30 4.42 28.77 -32.81
CA ILE A 30 5.63 29.45 -32.37
C ILE A 30 6.82 28.89 -33.12
N ASN A 31 7.42 29.70 -34.00
CA ASN A 31 8.58 29.26 -34.77
C ASN A 31 9.81 30.12 -34.48
N LYS A 32 10.96 29.71 -35.02
CA LYS A 32 12.21 30.43 -34.82
C LYS A 32 12.10 31.91 -35.18
N ILE A 33 11.67 32.18 -36.41
CA ILE A 33 11.53 33.55 -36.94
C ILE A 33 10.71 34.52 -36.07
N MET A 34 9.68 34.00 -35.42
CA MET A 34 8.81 34.81 -34.58
C MET A 34 9.55 35.27 -33.33
N ASN A 35 10.61 34.56 -32.96
CA ASN A 35 11.36 34.90 -31.76
C ASN A 35 12.64 35.70 -31.97
N THR A 36 12.82 36.26 -33.17
CA THR A 36 14.03 37.03 -33.46
C THR A 36 13.75 38.47 -33.89
N GLN A 37 14.69 39.36 -33.62
CA GLN A 37 14.55 40.77 -33.99
C GLN A 37 14.54 40.95 -35.49
N LEU A 38 13.36 40.89 -36.10
CA LEU A 38 13.27 41.07 -37.54
C LEU A 38 13.44 42.55 -37.91
N THR A 39 14.19 42.78 -38.98
CA THR A 39 14.45 44.14 -39.43
C THR A 39 13.61 44.47 -40.64
N LYS A 40 13.15 43.44 -41.32
CA LYS A 40 12.34 43.62 -42.52
C LYS A 40 11.05 42.80 -42.43
N PRO A 41 10.08 43.11 -43.29
CA PRO A 41 8.82 42.35 -43.25
C PRO A 41 9.12 40.89 -43.63
N VAL A 42 8.74 39.96 -42.75
CA VAL A 42 8.97 38.55 -43.02
C VAL A 42 7.64 37.86 -43.35
N LEU A 43 7.69 36.90 -44.26
CA LEU A 43 6.51 36.18 -44.67
C LEU A 43 6.62 34.70 -44.42
N MET A 44 5.54 34.11 -43.95
CA MET A 44 5.47 32.68 -43.67
C MET A 44 4.04 32.26 -43.95
N MET A 45 3.85 30.98 -44.24
CA MET A 45 2.51 30.51 -44.53
C MET A 45 2.33 29.03 -44.28
N PHE A 46 1.07 28.62 -44.14
CA PHE A 46 0.72 27.23 -43.88
C PHE A 46 -0.73 26.89 -44.23
N ASN A 47 -1.10 25.65 -43.94
CA ASN A 47 -2.43 25.14 -44.24
C ASN A 47 -3.27 24.98 -42.99
N ILE A 48 -4.55 25.30 -43.13
CA ILE A 48 -5.53 25.18 -42.04
C ILE A 48 -6.75 24.49 -42.62
N SER A 49 -7.35 23.60 -41.83
CA SER A 49 -8.54 22.85 -42.26
C SER A 49 -9.66 23.75 -42.75
N GLY A 50 -9.95 24.82 -42.02
CA GLY A 50 -11.00 25.74 -42.42
C GLY A 50 -10.52 27.17 -42.44
N PRO A 51 -11.44 28.15 -42.41
CA PRO A 51 -11.04 29.55 -42.41
C PRO A 51 -10.84 30.14 -41.01
N ILE A 52 -9.98 31.15 -40.93
CA ILE A 52 -9.64 31.83 -39.69
C ILE A 52 -10.68 32.91 -39.35
N ARG A 53 -11.32 32.81 -38.19
CA ARG A 53 -12.32 33.80 -37.79
C ARG A 53 -11.73 34.87 -36.88
N SER A 54 -10.49 34.66 -36.43
CA SER A 54 -9.83 35.63 -35.57
C SER A 54 -8.38 35.24 -35.33
N VAL A 55 -7.54 36.25 -35.11
CA VAL A 55 -6.12 36.05 -34.85
C VAL A 55 -5.70 36.88 -33.63
N THR A 56 -4.94 36.28 -32.72
CA THR A 56 -4.50 36.97 -31.52
C THR A 56 -3.05 36.67 -31.14
N ARG A 57 -2.50 37.44 -30.20
CA ARG A 57 -1.13 37.21 -29.75
C ARG A 57 -1.09 36.71 -28.31
N LYS A 58 -0.61 35.48 -28.13
CA LYS A 58 -0.52 34.86 -26.82
C LYS A 58 0.82 35.10 -26.16
N ASN A 59 0.88 34.83 -24.87
CA ASN A 59 2.09 35.01 -24.08
C ASN A 59 3.06 33.84 -24.20
N ASN A 60 4.34 34.16 -24.38
CA ASN A 60 5.40 33.17 -24.54
C ASN A 60 5.41 32.03 -23.53
N ASN A 61 4.88 32.27 -22.32
CA ASN A 61 4.82 31.22 -21.30
C ASN A 61 4.18 30.01 -21.94
N LEU A 62 3.37 30.28 -22.96
CA LEU A 62 2.67 29.25 -23.68
C LEU A 62 3.62 28.31 -24.41
N ARG A 63 4.77 28.82 -24.86
CA ARG A 63 5.73 27.99 -25.57
C ARG A 63 6.24 26.85 -24.71
N ASP A 64 6.66 27.16 -23.49
CA ASP A 64 7.16 26.15 -22.57
C ASP A 64 6.08 25.24 -22.01
N ARG A 65 4.85 25.72 -21.92
CA ARG A 65 3.78 24.90 -21.39
C ARG A 65 3.39 23.79 -22.36
N ILE A 66 3.53 24.06 -23.65
CA ILE A 66 3.19 23.09 -24.69
C ILE A 66 4.30 22.09 -24.91
N LYS A 67 5.54 22.56 -24.90
CA LYS A 67 6.69 21.69 -25.10
C LYS A 67 6.93 20.80 -23.89
N SER A 68 6.23 21.05 -22.79
CA SER A 68 6.40 20.21 -21.61
C SER A 68 5.42 19.05 -21.70
N LYS A 69 4.14 19.35 -21.83
CA LYS A 69 3.12 18.31 -21.93
C LYS A 69 3.51 17.26 -23.00
N VAL A 70 4.29 17.68 -23.99
CA VAL A 70 4.73 16.77 -25.06
C VAL A 70 6.07 16.13 -24.78
N ASP A 71 7.09 16.94 -24.54
CA ASP A 71 8.43 16.42 -24.25
C ASP A 71 8.42 15.39 -23.12
N GLU A 72 7.45 15.50 -22.22
CA GLU A 72 7.34 14.59 -21.10
C GLU A 72 6.80 13.24 -21.55
N GLN A 73 5.82 13.28 -22.43
CA GLN A 73 5.21 12.06 -22.95
C GLN A 73 6.22 11.16 -23.64
N PHE A 74 7.12 11.75 -24.43
CA PHE A 74 8.13 11.01 -25.14
C PHE A 74 9.30 10.68 -24.23
N ASP A 75 9.34 11.31 -23.07
CA ASP A 75 10.43 11.09 -22.13
C ASP A 75 10.25 9.79 -21.33
N GLN A 76 9.02 9.28 -21.23
CA GLN A 76 8.81 8.05 -20.50
C GLN A 76 9.15 6.82 -21.35
N LEU A 77 9.65 7.07 -22.56
CA LEU A 77 10.05 6.01 -23.50
C LEU A 77 11.57 5.91 -23.53
N GLU A 78 12.23 7.05 -23.36
CA GLU A 78 13.67 7.10 -23.39
C GLU A 78 14.29 6.46 -22.16
N ARG A 79 15.61 6.25 -22.22
CA ARG A 79 16.37 5.70 -21.10
C ARG A 79 17.72 6.39 -21.11
N ASP A 80 17.67 7.71 -21.13
CA ASP A 80 18.86 8.55 -21.13
C ASP A 80 19.55 8.39 -19.79
N TYR A 81 20.80 7.95 -19.81
CA TYR A 81 21.57 7.76 -18.59
C TYR A 81 22.69 8.79 -18.49
N SER A 82 22.45 9.97 -19.04
CA SER A 82 23.44 11.03 -19.00
C SER A 82 23.69 11.50 -17.58
N ASP A 83 24.85 12.11 -17.39
CA ASP A 83 25.24 12.60 -16.08
C ASP A 83 24.46 13.84 -15.70
N GLN A 84 23.81 13.78 -14.54
CA GLN A 84 23.04 14.91 -14.03
C GLN A 84 23.90 15.67 -13.01
N MET A 85 23.28 16.61 -12.28
CA MET A 85 23.98 17.40 -11.30
C MET A 85 23.09 17.70 -10.09
N ASP A 86 23.53 18.60 -9.22
CA ASP A 86 22.84 18.90 -7.94
C ASP A 86 22.60 20.37 -7.57
N ILE A 92 -9.50 36.41 -49.77
CA ILE A 92 -10.62 37.31 -49.34
C ILE A 92 -11.00 37.12 -47.87
N LYS A 93 -10.18 37.64 -46.96
CA LYS A 93 -10.44 37.52 -45.52
C LYS A 93 -9.25 37.95 -44.65
N TYR A 94 -8.93 39.24 -44.71
CA TYR A 94 -7.82 39.84 -43.95
C TYR A 94 -7.96 39.89 -42.42
N PHE A 95 -6.84 40.11 -41.74
CA PHE A 95 -6.78 40.21 -40.28
C PHE A 95 -5.63 41.12 -39.83
N LYS A 96 -5.62 42.35 -40.36
CA LYS A 96 -4.61 43.36 -40.08
C LYS A 96 -4.37 43.72 -38.60
N ASP A 97 -3.21 44.32 -38.37
CA ASP A 97 -2.75 44.75 -37.04
C ASP A 97 -1.49 45.58 -37.34
N GLU A 98 -0.92 46.22 -36.33
CA GLU A 98 0.27 47.05 -36.55
C GLU A 98 1.53 46.24 -36.83
N HIS A 99 1.83 45.32 -35.92
CA HIS A 99 3.02 44.49 -36.03
C HIS A 99 2.93 43.39 -37.06
N TYR A 100 1.82 42.66 -37.09
CA TYR A 100 1.68 41.62 -38.08
C TYR A 100 0.52 41.96 -38.99
N SER A 101 0.17 41.00 -39.84
CA SER A 101 -0.91 41.13 -40.80
C SER A 101 -1.15 39.73 -41.34
N VAL A 102 -2.31 39.16 -41.04
CA VAL A 102 -2.63 37.83 -41.50
C VAL A 102 -3.69 37.86 -42.58
N SER A 103 -3.58 36.96 -43.54
CA SER A 103 -4.54 36.87 -44.62
C SER A 103 -4.88 35.41 -44.82
N CYS A 104 -6.16 35.09 -44.79
CA CYS A 104 -6.57 33.71 -44.97
C CYS A 104 -7.47 33.51 -46.18
N GLN A 105 -6.88 33.06 -47.29
CA GLN A 105 -7.61 32.81 -48.52
C GLN A 105 -7.69 31.34 -48.91
N ASN A 106 -8.71 31.03 -49.70
CA ASN A 106 -8.99 29.68 -50.16
C ASN A 106 -7.90 29.10 -51.07
N GLY A 107 -6.98 28.35 -50.46
CA GLY A 107 -5.88 27.73 -51.18
C GLY A 107 -5.63 28.14 -52.64
N SER A 108 -6.47 27.62 -53.52
CA SER A 108 -6.40 27.89 -54.95
C SER A 108 -6.37 29.39 -55.31
N VAL A 109 -7.17 30.17 -54.58
CA VAL A 109 -7.24 31.62 -54.80
C VAL A 109 -5.88 32.27 -54.65
N LEU A 110 -5.11 31.79 -53.67
CA LEU A 110 -3.79 32.33 -53.41
C LEU A 110 -2.90 32.22 -54.64
N LYS A 111 -2.93 31.06 -55.29
CA LYS A 111 -2.10 30.86 -56.48
C LYS A 111 -2.41 31.92 -57.54
N SER A 112 -3.67 32.03 -57.91
CA SER A 112 -4.13 32.97 -58.94
C SER A 112 -3.84 34.45 -58.69
N LYS A 113 -3.89 34.88 -57.44
CA LYS A 113 -3.66 36.28 -57.12
C LYS A 113 -2.31 36.55 -56.46
N PHE A 114 -1.73 35.51 -55.84
CA PHE A 114 -0.45 35.62 -55.13
C PHE A 114 0.24 36.98 -55.17
N ALA A 115 0.68 37.41 -56.35
CA ALA A 115 1.36 38.69 -56.48
C ALA A 115 0.76 39.73 -55.55
N LYS A 116 -0.55 39.95 -55.66
CA LYS A 116 -1.25 40.93 -54.82
C LYS A 116 -0.74 40.98 -53.39
N ILE A 117 0.05 42.00 -53.08
CA ILE A 117 0.56 42.10 -51.74
C ILE A 117 0.12 43.36 -50.99
N LEU A 118 -1.16 43.37 -50.66
CA LEU A 118 -1.75 44.47 -49.90
C LEU A 118 -1.42 44.14 -48.46
N LYS A 119 -0.64 43.07 -48.27
CA LYS A 119 -0.21 42.66 -46.96
C LYS A 119 1.13 43.31 -46.73
N SER A 120 1.45 44.20 -47.67
CA SER A 120 2.67 44.99 -47.70
C SER A 120 4.01 44.26 -47.73
N HIS A 121 4.07 43.15 -48.47
CA HIS A 121 5.31 42.39 -48.65
C HIS A 121 5.63 42.73 -50.09
N ASP A 122 5.74 44.03 -50.32
CA ASP A 122 6.01 44.59 -51.63
C ASP A 122 7.49 44.83 -51.90
N TYR A 123 8.08 45.76 -51.15
CA TYR A 123 9.49 46.15 -51.28
C TYR A 123 10.47 45.00 -51.32
N THR A 124 9.93 43.79 -51.30
CA THR A 124 10.71 42.57 -51.38
C THR A 124 10.71 42.27 -52.89
N ASP A 125 9.89 43.04 -53.60
CA ASP A 125 9.71 42.92 -55.03
C ASP A 125 9.75 41.49 -55.55
N LYS A 126 9.75 41.35 -56.86
CA LYS A 126 9.78 40.03 -57.48
C LYS A 126 10.97 39.21 -57.00
N LYS A 127 12.14 39.83 -56.94
CA LYS A 127 13.36 39.15 -56.52
C LYS A 127 13.25 38.45 -55.16
N SER A 128 12.16 38.68 -54.43
CA SER A 128 11.97 38.05 -53.12
C SER A 128 10.73 37.17 -53.09
N ILE A 129 9.64 37.67 -53.67
CA ILE A 129 8.41 36.89 -53.69
C ILE A 129 8.59 35.75 -54.68
N GLU A 130 9.18 36.06 -55.84
CA GLU A 130 9.42 35.08 -56.89
C GLU A 130 9.82 33.75 -56.28
N ALA A 131 10.69 33.81 -55.28
CA ALA A 131 11.16 32.62 -54.59
C ALA A 131 10.00 31.74 -54.12
N TYR A 132 9.22 32.23 -53.16
CA TYR A 132 8.10 31.50 -52.59
C TYR A 132 7.13 30.79 -53.56
N GLU A 133 6.97 31.32 -54.76
CA GLU A 133 6.07 30.71 -55.73
C GLU A 133 6.63 29.38 -56.24
N LYS A 134 7.95 29.29 -56.28
CA LYS A 134 8.66 28.10 -56.75
C LYS A 134 8.97 27.05 -55.68
N TYR A 135 9.27 27.50 -54.47
CA TYR A 135 9.65 26.60 -53.41
C TYR A 135 8.64 26.33 -52.29
N CYS A 136 7.68 27.22 -52.10
CA CYS A 136 6.69 27.00 -51.04
C CYS A 136 5.28 26.88 -51.60
N LEU A 137 4.82 27.91 -52.29
CA LEU A 137 3.48 27.94 -52.87
C LEU A 137 3.01 26.60 -53.46
N PRO A 138 3.84 25.93 -54.28
CA PRO A 138 3.49 24.64 -54.90
C PRO A 138 3.19 23.53 -53.91
N LYS A 139 3.67 23.70 -52.68
CA LYS A 139 3.49 22.73 -51.62
C LYS A 139 2.40 23.21 -50.64
N LEU A 140 1.52 24.09 -51.10
CA LEU A 140 0.44 24.63 -50.27
C LEU A 140 -0.91 24.52 -50.94
N VAL A 141 -0.89 24.36 -52.27
CA VAL A 141 -2.11 24.25 -53.04
C VAL A 141 -2.09 22.90 -53.76
N ASP A 142 -3.24 22.24 -53.87
CA ASP A 142 -3.26 20.95 -54.57
C ASP A 142 -4.61 20.56 -55.16
N GLU A 143 -4.66 19.41 -55.81
CA GLU A 143 -5.86 18.90 -56.45
C GLU A 143 -7.13 19.05 -55.62
N ARG A 144 -6.95 19.33 -54.33
CA ARG A 144 -8.08 19.53 -53.43
C ARG A 144 -8.08 21.04 -53.13
N ASN A 145 -8.36 21.82 -54.17
CA ASN A 145 -8.39 23.30 -54.16
C ASN A 145 -8.83 23.99 -52.87
N ASP A 146 -9.33 23.21 -51.92
CA ASP A 146 -9.77 23.77 -50.64
C ASP A 146 -8.47 24.07 -49.91
N TYR A 147 -8.31 23.48 -48.73
CA TYR A 147 -7.10 23.69 -47.96
C TYR A 147 -6.70 25.16 -47.93
N TYR A 148 -7.32 25.92 -47.03
CA TYR A 148 -7.03 27.35 -46.90
C TYR A 148 -5.58 27.59 -46.52
N VAL A 149 -5.02 28.65 -47.09
CA VAL A 149 -3.63 29.02 -46.83
C VAL A 149 -3.52 30.28 -45.97
N ALA A 150 -2.93 30.13 -44.79
CA ALA A 150 -2.76 31.26 -43.90
C ALA A 150 -1.54 32.04 -44.40
N VAL A 151 -1.71 33.33 -44.62
CA VAL A 151 -0.60 34.14 -45.07
C VAL A 151 -0.31 35.12 -43.96
N CYS A 152 0.86 35.00 -43.35
CA CYS A 152 1.22 35.89 -42.25
C CYS A 152 2.39 36.74 -42.66
N VAL A 153 2.42 37.98 -42.18
CA VAL A 153 3.52 38.88 -42.51
C VAL A 153 3.98 39.63 -41.29
N LEU A 154 4.86 39.00 -40.52
CA LEU A 154 5.40 39.61 -39.32
C LEU A 154 6.27 40.79 -39.69
N LYS A 155 5.80 41.98 -39.33
CA LYS A 155 6.50 43.23 -39.62
C LYS A 155 7.33 43.62 -38.40
N PRO A 156 8.52 44.23 -38.63
CA PRO A 156 9.38 44.63 -37.52
C PRO A 156 8.63 45.32 -36.40
N GLY A 157 9.03 45.03 -35.17
CA GLY A 157 8.39 45.61 -34.01
C GLY A 157 7.76 44.45 -33.26
N PHE A 158 7.60 43.38 -34.02
CA PHE A 158 7.01 42.16 -33.50
C PHE A 158 7.77 41.70 -32.26
N GLU A 159 9.05 42.04 -32.20
CA GLU A 159 9.89 41.65 -31.06
C GLU A 159 9.56 42.35 -29.76
N ASN A 160 9.38 43.67 -29.81
CA ASN A 160 9.07 44.43 -28.63
C ASN A 160 8.03 43.68 -27.81
N GLY A 161 8.20 43.73 -26.49
CA GLY A 161 7.29 43.05 -25.59
C GLY A 161 7.32 41.56 -25.77
N SER A 162 6.53 40.86 -24.97
CA SER A 162 6.44 39.41 -25.06
C SER A 162 5.28 39.11 -25.99
N ASN A 163 4.66 37.95 -25.80
CA ASN A 163 3.53 37.56 -26.62
C ASN A 163 3.95 37.49 -28.07
N GLN A 164 4.87 36.59 -28.34
CA GLN A 164 5.41 36.37 -29.68
C GLN A 164 4.58 35.26 -30.32
N VAL A 165 4.05 34.38 -29.48
CA VAL A 165 3.19 33.29 -29.91
C VAL A 165 1.96 33.85 -30.65
N LEU A 166 1.54 33.17 -31.72
CA LEU A 166 0.36 33.56 -32.49
C LEU A 166 -0.72 32.50 -32.30
N SER A 167 -1.99 32.90 -32.40
CA SER A 167 -3.10 31.97 -32.23
C SER A 167 -4.16 32.21 -33.30
N PHE A 168 -4.63 31.12 -33.91
CA PHE A 168 -5.63 31.25 -34.97
C PHE A 168 -6.93 30.53 -34.64
N GLU A 169 -7.98 31.31 -34.42
CA GLU A 169 -9.31 30.75 -34.12
C GLU A 169 -9.93 30.47 -35.49
N TYR A 170 -10.13 29.20 -35.83
CA TYR A 170 -10.70 28.88 -37.13
C TYR A 170 -11.77 27.80 -37.10
N ASN A 171 -12.54 27.73 -38.19
CA ASN A 171 -13.64 26.75 -38.33
C ASN A 171 -13.34 25.61 -39.30
N PRO A 172 -13.00 24.42 -38.77
CA PRO A 172 -12.67 23.24 -39.57
C PRO A 172 -13.72 22.86 -40.60
N ILE A 173 -13.29 22.72 -41.85
CA ILE A 173 -14.19 22.31 -42.91
C ILE A 173 -13.98 20.81 -43.07
N GLY A 174 -15.07 20.05 -43.11
CA GLY A 174 -14.99 18.61 -43.30
C GLY A 174 -14.44 17.68 -42.22
N ASN A 175 -14.34 18.14 -40.98
CA ASN A 175 -13.82 17.30 -39.89
C ASN A 175 -12.34 17.01 -40.08
N LYS A 176 -11.68 17.87 -40.84
CA LYS A 176 -10.26 17.74 -41.13
C LYS A 176 -9.43 18.69 -40.28
N VAL A 177 -8.21 18.27 -39.98
CA VAL A 177 -7.25 19.04 -39.18
C VAL A 177 -5.90 18.90 -39.88
N ILE A 178 -5.28 20.00 -40.28
CA ILE A 178 -3.99 19.92 -40.99
C ILE A 178 -2.76 20.44 -40.24
N VAL A 179 -2.27 19.65 -39.26
CA VAL A 179 -1.10 20.06 -38.49
C VAL A 179 0.06 20.32 -39.46
N PRO A 180 0.39 21.60 -39.66
CA PRO A 180 1.44 22.13 -40.54
C PRO A 180 2.88 21.76 -40.24
N PHE A 181 3.36 20.72 -40.92
CA PHE A 181 4.73 20.28 -40.77
C PHE A 181 5.48 20.58 -42.07
N ALA A 182 4.72 20.79 -43.15
CA ALA A 182 5.29 21.09 -44.45
C ALA A 182 6.42 22.13 -44.39
N HIS A 183 7.41 21.98 -45.26
CA HIS A 183 8.52 22.92 -45.31
C HIS A 183 8.56 23.61 -46.66
N GLU A 184 9.70 24.22 -46.95
CA GLU A 184 9.94 24.93 -48.20
C GLU A 184 10.76 24.07 -49.14
N ILE A 185 10.07 23.35 -50.00
CA ILE A 185 10.72 22.51 -51.01
C ILE A 185 12.15 22.97 -51.24
N ASN A 186 13.15 22.18 -50.85
CA ASN A 186 14.52 22.60 -51.11
C ASN A 186 15.16 21.76 -52.20
N ASP A 187 16.13 22.34 -52.89
CA ASP A 187 16.83 21.69 -53.99
C ASP A 187 17.44 20.39 -53.54
N THR A 188 18.19 20.42 -52.44
CA THR A 188 18.85 19.24 -51.89
C THR A 188 18.01 17.97 -51.91
N GLY A 189 16.77 18.05 -51.43
CA GLY A 189 15.90 16.89 -51.43
C GLY A 189 15.57 16.34 -50.07
N LEU A 190 16.38 16.69 -49.09
CA LEU A 190 16.15 16.23 -47.74
C LEU A 190 15.67 17.36 -46.85
N TYR A 191 14.87 17.01 -45.85
CA TYR A 191 14.35 18.02 -44.93
C TYR A 191 14.65 17.67 -43.48
N GLU A 192 15.00 18.68 -42.70
CA GLU A 192 15.27 18.47 -41.29
C GLU A 192 14.07 18.91 -40.48
N TYR A 193 13.64 18.08 -39.54
CA TYR A 193 12.50 18.41 -38.72
C TYR A 193 12.89 18.73 -37.29
N ASP A 194 12.29 19.76 -36.73
CA ASP A 194 12.54 20.12 -35.33
C ASP A 194 11.24 20.73 -34.89
N VAL A 195 10.34 19.86 -34.47
CA VAL A 195 9.04 20.29 -34.07
C VAL A 195 8.39 19.38 -33.02
N VAL A 196 7.54 19.99 -32.21
CA VAL A 196 6.78 19.29 -31.18
C VAL A 196 5.37 19.76 -31.47
N ALA A 197 4.39 18.87 -31.36
CA ALA A 197 3.01 19.26 -31.63
C ALA A 197 2.04 18.67 -30.64
N TYR A 198 0.97 19.41 -30.36
CA TYR A 198 -0.05 18.94 -29.44
C TYR A 198 -1.43 19.18 -30.01
N VAL A 199 -1.96 18.17 -30.69
CA VAL A 199 -3.28 18.26 -31.27
C VAL A 199 -4.20 17.31 -30.52
N ASP A 200 -5.47 17.68 -30.39
CA ASP A 200 -6.42 16.83 -29.66
C ASP A 200 -7.75 16.68 -30.36
N SER A 201 -8.59 15.81 -29.80
CA SER A 201 -9.91 15.58 -30.35
C SER A 201 -9.80 15.17 -31.81
N VAL A 202 -8.86 14.25 -32.07
CA VAL A 202 -8.64 13.73 -33.41
C VAL A 202 -8.48 12.22 -33.32
N GLN A 203 -8.89 11.52 -34.37
CA GLN A 203 -8.80 10.06 -34.40
C GLN A 203 -7.47 9.56 -34.93
N PHE A 204 -6.90 8.58 -34.21
CA PHE A 204 -5.62 7.97 -34.56
C PHE A 204 -5.56 7.58 -36.05
N ASP A 205 -4.36 7.21 -36.50
CA ASP A 205 -4.17 6.80 -37.89
C ASP A 205 -2.77 6.29 -38.14
N GLY A 206 -2.52 5.05 -37.73
CA GLY A 206 -1.21 4.45 -37.91
C GLY A 206 -0.70 4.25 -39.34
N GLU A 207 -1.56 4.43 -40.34
CA GLU A 207 -1.14 4.26 -41.73
C GLU A 207 -0.20 5.37 -42.17
N GLN A 208 -0.55 6.60 -41.81
CA GLN A 208 0.24 7.76 -42.19
C GLN A 208 1.36 8.05 -41.18
N PHE A 209 1.25 7.48 -39.99
CA PHE A 209 2.29 7.67 -38.99
C PHE A 209 3.41 6.67 -39.23
N GLU A 210 3.07 5.40 -39.53
CA GLU A 210 4.12 4.42 -39.77
C GLU A 210 4.93 4.97 -40.93
N GLU A 211 4.20 5.42 -41.95
CA GLU A 211 4.81 6.01 -43.15
C GLU A 211 5.84 7.11 -42.79
N PHE A 212 5.42 8.07 -41.96
CA PHE A 212 6.31 9.16 -41.56
C PHE A 212 7.47 8.68 -40.69
N VAL A 213 7.16 8.24 -39.47
CA VAL A 213 8.17 7.74 -38.54
C VAL A 213 9.21 6.89 -39.27
N GLN A 214 8.73 5.90 -40.02
CA GLN A 214 9.60 4.98 -40.77
C GLN A 214 10.61 5.65 -41.69
N SER A 215 10.25 6.81 -42.25
CA SER A 215 11.13 7.55 -43.15
C SER A 215 12.01 8.52 -42.38
N LEU A 216 12.23 8.25 -41.10
CA LEU A 216 13.03 9.13 -40.26
C LEU A 216 14.46 8.68 -40.05
N ILE A 217 15.39 9.61 -40.26
CA ILE A 217 16.81 9.34 -40.05
C ILE A 217 17.22 10.10 -38.79
N LEU A 218 17.38 9.36 -37.70
CA LEU A 218 17.78 9.92 -36.40
C LEU A 218 19.22 10.43 -36.33
N PRO A 219 19.51 11.33 -35.38
CA PRO A 219 20.83 11.90 -35.16
C PRO A 219 21.77 10.83 -34.59
N SER A 220 23.07 11.03 -34.76
CA SER A 220 24.04 10.04 -34.29
C SER A 220 24.54 10.30 -32.88
N SER A 221 24.78 9.21 -32.14
CA SER A 221 25.28 9.28 -30.77
C SER A 221 26.77 8.90 -30.79
N PHE A 222 27.33 8.81 -31.99
CA PHE A 222 28.74 8.50 -32.19
C PHE A 222 29.26 7.26 -31.46
N LYS A 223 28.63 6.13 -31.76
CA LYS A 223 28.95 4.83 -31.17
C LYS A 223 28.73 3.78 -32.26
N ASN A 224 29.77 3.01 -32.57
CA ASN A 224 29.66 2.00 -33.61
C ASN A 224 28.52 1.03 -33.34
N SER A 225 28.31 0.68 -32.08
CA SER A 225 27.29 -0.26 -31.68
C SER A 225 25.84 0.19 -31.84
N GLU A 226 25.63 1.49 -32.07
CA GLU A 226 24.28 2.00 -32.19
C GLU A 226 23.41 1.37 -33.28
N LYS A 227 22.19 1.02 -32.88
CA LYS A 227 21.19 0.43 -33.77
C LYS A 227 19.89 1.21 -33.58
N VAL A 228 19.29 1.64 -34.69
CA VAL A 228 18.04 2.40 -34.68
C VAL A 228 16.82 1.51 -34.88
N LEU A 229 16.13 1.18 -33.80
CA LEU A 229 14.94 0.35 -33.88
C LEU A 229 13.68 1.16 -34.15
N TYR A 230 12.68 0.50 -34.73
CA TYR A 230 11.39 1.12 -35.03
C TYR A 230 10.34 0.44 -34.16
N TYR A 231 9.44 1.22 -33.57
CA TYR A 231 8.43 0.65 -32.71
C TYR A 231 7.01 0.90 -33.12
N ASN A 232 6.12 0.11 -32.53
CA ASN A 232 4.69 0.21 -32.79
C ASN A 232 3.95 -0.45 -31.63
N GLU A 233 3.97 0.20 -30.47
CA GLU A 233 3.29 -0.34 -29.30
C GLU A 233 1.84 0.15 -29.28
N ALA A 234 1.03 -0.55 -28.50
CA ALA A 234 -0.38 -0.20 -28.36
C ALA A 234 -0.77 -0.60 -26.95
N SER A 235 -0.22 0.14 -25.98
CA SER A 235 -0.48 -0.12 -24.57
C SER A 235 -1.94 0.05 -24.19
N LYS A 236 -2.19 0.13 -22.88
CA LYS A 236 -3.54 0.28 -22.34
C LYS A 236 -4.34 1.38 -23.05
N ASN A 237 -4.02 2.63 -22.74
CA ASN A 237 -4.69 3.78 -23.33
C ASN A 237 -3.72 4.53 -24.22
N LYS A 238 -2.75 3.82 -24.77
CA LYS A 238 -1.75 4.43 -25.62
C LYS A 238 -1.48 3.61 -26.87
N SER A 239 -0.75 4.23 -27.80
CA SER A 239 -0.34 3.64 -29.07
C SER A 239 0.76 4.54 -29.60
N MET A 240 2.00 4.07 -29.49
CA MET A 240 3.12 4.87 -29.94
C MET A 240 3.86 4.31 -31.15
N ILE A 241 4.10 5.19 -32.11
CA ILE A 241 4.85 4.84 -33.30
C ILE A 241 6.04 5.78 -33.21
N TYR A 242 7.23 5.21 -33.12
CA TYR A 242 8.43 6.02 -33.01
C TYR A 242 9.67 5.19 -33.27
N LYS A 243 10.79 5.88 -33.44
CA LYS A 243 12.06 5.22 -33.66
C LYS A 243 13.02 5.71 -32.60
N ALA A 244 13.81 4.79 -32.04
CA ALA A 244 14.79 5.14 -31.02
C ALA A 244 16.15 4.61 -31.42
N LEU A 245 17.18 5.30 -30.96
CA LEU A 245 18.56 4.86 -31.22
C LEU A 245 19.02 4.20 -29.93
N GLU A 246 19.38 2.92 -30.01
CA GLU A 246 19.82 2.20 -28.83
C GLU A 246 21.25 1.64 -28.88
N PHE A 247 21.89 1.57 -27.72
CA PHE A 247 23.27 1.08 -27.57
C PHE A 247 23.58 0.75 -26.12
N THR A 248 24.20 -0.40 -25.88
CA THR A 248 24.53 -0.78 -24.51
C THR A 248 25.85 -0.17 -24.04
N THR A 249 25.88 0.18 -22.76
CA THR A 249 27.04 0.79 -22.11
C THR A 249 27.50 -0.06 -20.94
N GLU A 250 28.77 0.08 -20.60
CA GLU A 250 29.36 -0.67 -19.50
C GLU A 250 29.55 0.17 -18.24
N SER A 251 29.80 -0.51 -17.13
CA SER A 251 30.03 0.16 -15.86
C SER A 251 31.23 1.10 -15.97
N SER A 252 31.46 1.87 -14.92
CA SER A 252 32.60 2.78 -14.91
C SER A 252 33.49 2.40 -13.74
N TRP A 253 32.98 1.50 -12.89
CA TRP A 253 33.75 1.04 -11.72
C TRP A 253 33.58 -0.47 -11.50
N GLY A 254 32.95 -0.80 -10.38
CA GLY A 254 32.72 -2.18 -9.99
C GLY A 254 32.26 -3.22 -11.01
N LYS A 255 31.29 -4.02 -10.59
CA LYS A 255 30.73 -5.09 -11.41
C LYS A 255 30.54 -4.76 -12.89
N SER A 256 30.43 -5.81 -13.70
CA SER A 256 30.24 -5.65 -15.13
C SER A 256 28.77 -5.57 -15.48
N GLU A 257 28.15 -4.47 -15.07
CA GLU A 257 26.74 -4.26 -15.35
C GLU A 257 26.60 -3.38 -16.58
N LYS A 258 25.82 -3.87 -17.55
CA LYS A 258 25.58 -3.16 -18.80
C LYS A 258 24.47 -2.12 -18.61
N TYR A 259 24.36 -1.18 -19.55
CA TYR A 259 23.34 -0.13 -19.46
C TYR A 259 22.71 0.17 -20.81
N ASN A 260 21.66 -0.57 -21.16
CA ASN A 260 21.00 -0.36 -22.44
C ASN A 260 20.29 0.98 -22.57
N TRP A 261 20.84 1.84 -23.43
CA TRP A 261 20.27 3.16 -23.69
C TRP A 261 19.18 3.11 -24.76
N LYS A 262 18.33 4.13 -24.73
CA LYS A 262 17.25 4.29 -25.68
C LYS A 262 17.03 5.78 -25.73
N ILE A 263 17.55 6.43 -26.78
CA ILE A 263 17.43 7.88 -26.89
C ILE A 263 17.07 8.37 -28.29
N PHE A 264 16.92 9.69 -28.42
CA PHE A 264 16.55 10.31 -29.68
C PHE A 264 15.22 9.79 -30.20
N CYS A 265 14.31 9.46 -29.28
CA CYS A 265 12.98 8.95 -29.64
C CYS A 265 12.15 10.00 -30.37
N ASN A 266 11.68 9.63 -31.56
CA ASN A 266 10.87 10.55 -32.34
C ASN A 266 9.77 9.76 -33.01
N GLY A 267 8.56 10.30 -32.97
CA GLY A 267 7.45 9.62 -33.59
C GLY A 267 6.12 10.26 -33.22
N PHE A 268 5.13 9.41 -32.96
CA PHE A 268 3.80 9.87 -32.58
C PHE A 268 3.28 9.03 -31.42
N ILE A 269 2.72 9.69 -30.42
CA ILE A 269 2.16 8.97 -29.29
C ILE A 269 0.71 9.40 -29.21
N TYR A 270 -0.20 8.44 -29.11
CA TYR A 270 -1.64 8.71 -29.03
C TYR A 270 -2.24 8.22 -27.72
N ASP A 271 -3.07 9.05 -27.11
CA ASP A 271 -3.72 8.67 -25.88
C ASP A 271 -5.11 8.16 -26.24
N LYS A 272 -5.24 6.86 -26.36
CA LYS A 272 -6.50 6.23 -26.73
C LYS A 272 -7.71 6.82 -26.00
N LYS A 273 -7.60 7.00 -24.68
CA LYS A 273 -8.69 7.61 -23.91
C LYS A 273 -8.79 9.09 -24.29
N SER A 274 -7.97 9.91 -23.64
CA SER A 274 -7.92 11.36 -23.88
C SER A 274 -8.19 11.79 -25.33
N LYS A 275 -7.82 10.96 -26.30
CA LYS A 275 -8.04 11.29 -27.71
C LYS A 275 -7.10 12.41 -28.12
N VAL A 276 -5.91 12.42 -27.54
CA VAL A 276 -4.93 13.45 -27.87
C VAL A 276 -3.73 12.88 -28.60
N LEU A 277 -3.10 13.73 -29.39
CA LEU A 277 -1.96 13.32 -30.20
C LEU A 277 -0.68 14.06 -29.94
N TYR A 278 0.31 13.33 -29.43
CA TYR A 278 1.62 13.90 -29.15
C TYR A 278 2.62 13.62 -30.28
N VAL A 279 3.16 14.70 -30.85
CA VAL A 279 4.13 14.60 -31.93
C VAL A 279 5.49 15.13 -31.49
N LYS A 280 6.55 14.46 -31.92
CA LYS A 280 7.90 14.90 -31.59
C LYS A 280 8.87 14.49 -32.69
N LEU A 281 9.37 15.49 -33.41
CA LEU A 281 10.31 15.25 -34.49
C LEU A 281 11.49 16.15 -34.21
N HIS A 282 12.31 15.77 -33.24
CA HIS A 282 13.46 16.58 -32.85
C HIS A 282 14.77 16.29 -33.58
N ASN A 283 15.13 17.20 -34.50
CA ASN A 283 16.34 17.10 -35.30
C ASN A 283 16.45 15.81 -36.09
N VAL A 284 15.34 15.39 -36.67
CA VAL A 284 15.34 14.18 -37.44
C VAL A 284 15.21 14.58 -38.92
N THR A 285 15.77 13.76 -39.80
CA THR A 285 15.66 14.05 -41.22
C THR A 285 14.81 13.02 -41.95
N SER A 286 14.15 13.50 -43.00
CA SER A 286 13.30 12.67 -43.83
C SER A 286 13.19 13.32 -45.22
N ALA A 287 13.09 12.48 -46.24
CA ALA A 287 12.96 12.97 -47.60
C ALA A 287 11.49 13.31 -47.83
N LEU A 288 10.69 13.09 -46.79
CA LEU A 288 9.25 13.32 -46.85
C LEU A 288 8.84 14.68 -46.28
N ASN A 289 8.55 15.63 -47.16
CA ASN A 289 8.12 16.97 -46.75
C ASN A 289 6.63 17.18 -46.98
N LYS A 290 5.81 16.71 -46.03
CA LYS A 290 4.37 16.81 -46.12
C LYS A 290 3.74 17.15 -44.78
N ASN A 291 2.45 17.51 -44.82
CA ASN A 291 1.70 17.85 -43.60
C ASN A 291 0.97 16.64 -43.04
N VAL A 292 0.68 16.67 -41.74
CA VAL A 292 -0.08 15.56 -41.17
C VAL A 292 -1.56 15.98 -41.11
N ILE A 293 -2.40 15.23 -41.83
CA ILE A 293 -3.84 15.47 -41.88
C ILE A 293 -4.57 14.44 -41.00
N LEU A 294 -5.53 14.91 -40.22
CA LEU A 294 -6.29 14.02 -39.35
C LEU A 294 -7.76 14.31 -39.46
N ASN A 295 -8.52 13.56 -38.68
CA ASN A 295 -9.97 13.72 -38.65
C ASN A 295 -10.46 13.93 -37.23
N THR A 296 -11.18 15.04 -37.06
CA THR A 296 -11.76 15.45 -35.79
C THR A 296 -12.80 14.43 -35.38
N ILE A 297 -12.72 13.96 -34.13
CA ILE A 297 -13.69 12.99 -33.63
C ILE A 297 -15.08 13.34 -34.15
N LYS A 298 -15.49 12.63 -35.19
CA LYS A 298 -16.78 12.82 -35.86
C LYS A 298 -17.97 12.39 -35.02
N LEU B 1 58.24 8.34 17.99
CA LEU B 1 58.08 7.04 17.30
C LEU B 1 56.94 7.03 16.30
N ASP B 2 55.71 7.23 16.76
CA ASP B 2 54.57 7.22 15.84
C ASP B 2 53.22 7.62 16.41
N LYS B 3 52.16 7.32 15.65
CA LYS B 3 50.80 7.64 16.05
C LYS B 3 49.72 7.27 15.01
N VAL B 4 48.68 6.56 15.45
CA VAL B 4 47.55 6.18 14.59
C VAL B 4 46.28 6.13 15.42
N TYR B 5 45.18 6.59 14.83
CA TYR B 5 43.88 6.60 15.52
C TYR B 5 43.43 5.20 15.87
N GLN B 6 43.04 5.00 17.13
CA GLN B 6 42.58 3.70 17.58
C GLN B 6 41.26 3.30 16.92
N MET B 7 41.24 2.10 16.34
CA MET B 7 40.08 1.57 15.63
C MET B 7 39.64 0.20 16.13
N LYS B 8 40.15 -0.21 17.28
CA LYS B 8 39.81 -1.52 17.79
C LYS B 8 38.31 -1.80 17.96
N SER B 9 37.60 -1.01 18.75
CA SER B 9 36.16 -1.20 18.98
C SER B 9 35.48 -2.06 17.92
N LYS B 10 34.96 -3.22 18.32
CA LYS B 10 34.28 -4.08 17.36
C LYS B 10 33.33 -3.15 16.61
N PRO B 11 32.27 -2.65 17.27
CA PRO B 11 31.40 -1.75 16.49
C PRO B 11 32.14 -0.42 16.37
N ARG B 12 32.94 -0.27 15.32
CA ARG B 12 33.72 0.95 15.07
C ARG B 12 32.96 2.21 15.45
N GLY B 13 31.95 2.52 14.64
CA GLY B 13 31.14 3.70 14.89
C GLY B 13 29.94 3.73 14.01
N TYR B 14 29.09 4.72 14.23
CA TYR B 14 27.87 4.86 13.45
C TYR B 14 28.14 5.47 12.07
N CYS B 15 27.15 5.42 11.19
CA CYS B 15 27.32 5.96 9.85
C CYS B 15 26.02 6.56 9.32
N LEU B 16 25.60 7.67 9.91
CA LEU B 16 24.39 8.36 9.48
C LEU B 16 24.47 8.66 7.98
N ILE B 17 23.80 7.85 7.17
CA ILE B 17 23.83 8.10 5.74
C ILE B 17 22.53 8.79 5.35
N ILE B 18 22.56 10.11 5.21
CA ILE B 18 21.38 10.86 4.83
C ILE B 18 21.28 10.95 3.32
N ASN B 19 20.43 10.09 2.77
CA ASN B 19 20.21 10.00 1.32
C ASN B 19 18.98 10.81 0.90
N ASN B 20 19.19 11.92 0.18
CA ASN B 20 18.07 12.74 -0.28
C ASN B 20 17.70 12.50 -1.73
N HIS B 21 16.46 12.08 -1.94
CA HIS B 21 15.96 11.80 -3.28
C HIS B 21 14.83 12.70 -3.79
N ASN B 22 13.75 12.81 -3.02
CA ASN B 22 12.60 13.63 -3.43
C ASN B 22 12.61 15.09 -2.98
N PHE B 23 12.72 15.99 -3.95
CA PHE B 23 12.73 17.43 -3.67
C PHE B 23 11.43 18.07 -4.17
N ALA B 24 10.32 17.33 -4.03
CA ALA B 24 9.01 17.82 -4.46
C ALA B 24 8.56 18.97 -3.57
N LYS B 25 8.61 18.76 -2.26
CA LYS B 25 8.20 19.78 -1.29
C LYS B 25 8.86 21.10 -1.61
N ALA B 26 10.07 21.02 -2.15
CA ALA B 26 10.85 22.19 -2.49
C ALA B 26 10.47 22.81 -3.82
N ARG B 27 10.12 21.98 -4.81
CA ARG B 27 9.73 22.49 -6.12
C ARG B 27 8.49 23.35 -6.01
N GLU B 28 7.72 23.10 -4.96
CA GLU B 28 6.50 23.85 -4.72
C GLU B 28 6.81 25.13 -3.96
N LYS B 29 7.23 24.98 -2.71
CA LYS B 29 7.56 26.12 -1.85
C LYS B 29 8.63 27.02 -2.45
N VAL B 30 9.89 26.81 -2.04
CA VAL B 30 10.99 27.62 -2.55
C VAL B 30 10.89 27.81 -4.08
N PRO B 31 10.45 29.00 -4.51
CA PRO B 31 10.28 29.36 -5.93
C PRO B 31 11.49 29.07 -6.80
N LYS B 32 12.64 29.61 -6.44
CA LYS B 32 13.87 29.40 -7.22
C LYS B 32 14.12 27.92 -7.51
N LEU B 33 13.77 27.05 -6.55
CA LEU B 33 13.94 25.60 -6.67
C LEU B 33 12.70 24.89 -7.21
N HIS B 34 12.11 25.40 -8.28
CA HIS B 34 10.92 24.76 -8.84
C HIS B 34 11.31 24.03 -10.11
N SER B 35 12.41 24.46 -10.72
CA SER B 35 12.91 23.85 -11.94
C SER B 35 14.01 22.87 -11.52
N ILE B 36 13.82 22.28 -10.35
CA ILE B 36 14.78 21.33 -9.80
C ILE B 36 14.25 19.91 -9.89
N ARG B 37 15.07 18.99 -10.39
CA ARG B 37 14.66 17.60 -10.52
C ARG B 37 14.94 16.86 -9.22
N ASP B 38 14.84 15.52 -9.26
CA ASP B 38 15.11 14.71 -8.09
C ASP B 38 16.44 14.02 -8.32
N ARG B 39 17.12 13.65 -7.25
CA ARG B 39 18.41 13.00 -7.35
C ARG B 39 18.23 11.52 -7.62
N ASN B 40 18.06 11.15 -8.87
CA ASN B 40 17.89 9.73 -9.18
C ASN B 40 19.22 9.03 -9.17
N GLY B 41 19.25 7.85 -8.55
CA GLY B 41 20.48 7.08 -8.46
C GLY B 41 21.14 7.17 -7.11
N THR B 42 20.78 8.20 -6.34
CA THR B 42 21.35 8.38 -5.02
C THR B 42 21.38 7.04 -4.32
N HIS B 43 20.36 6.23 -4.58
CA HIS B 43 20.23 4.93 -3.96
C HIS B 43 21.43 4.00 -4.17
N LEU B 44 22.05 4.11 -5.34
CA LEU B 44 23.21 3.29 -5.66
C LEU B 44 24.41 3.62 -4.79
N ASP B 45 24.53 4.88 -4.41
CA ASP B 45 25.64 5.33 -3.58
C ASP B 45 25.30 5.03 -2.13
N ALA B 46 24.02 5.14 -1.81
CA ALA B 46 23.55 4.86 -0.46
C ALA B 46 23.84 3.40 -0.17
N GLY B 47 23.59 2.55 -1.15
CA GLY B 47 23.86 1.13 -1.00
C GLY B 47 25.33 0.84 -1.25
N ALA B 48 26.03 1.83 -1.78
CA ALA B 48 27.45 1.70 -2.06
C ALA B 48 28.26 1.98 -0.80
N LEU B 49 27.93 3.07 -0.11
CA LEU B 49 28.62 3.44 1.13
C LEU B 49 28.27 2.44 2.23
N THR B 50 27.02 1.97 2.24
CA THR B 50 26.56 0.99 3.23
C THR B 50 27.39 -0.28 3.12
N THR B 51 27.56 -0.75 1.90
CA THR B 51 28.33 -1.95 1.66
C THR B 51 29.78 -1.76 2.11
N THR B 52 30.34 -0.61 1.74
CA THR B 52 31.72 -0.28 2.09
C THR B 52 31.95 -0.26 3.59
N PHE B 53 31.30 0.69 4.26
CA PHE B 53 31.44 0.84 5.71
C PHE B 53 30.83 -0.29 6.51
N GLU B 54 30.52 -1.39 5.85
CA GLU B 54 29.94 -2.56 6.50
C GLU B 54 31.09 -3.49 6.81
N GLU B 55 31.84 -3.83 5.76
CA GLU B 55 32.99 -4.70 5.92
C GLU B 55 33.98 -3.98 6.83
N LEU B 56 33.90 -2.65 6.85
CA LEU B 56 34.77 -1.85 7.69
C LEU B 56 34.23 -1.77 9.10
N HIS B 57 33.37 -2.72 9.42
CA HIS B 57 32.74 -2.85 10.74
C HIS B 57 32.09 -1.59 11.30
N PHE B 58 31.26 -0.95 10.49
CA PHE B 58 30.56 0.24 10.96
C PHE B 58 29.08 -0.11 11.06
N GLU B 59 28.44 0.32 12.14
CA GLU B 59 27.04 0.04 12.34
C GLU B 59 26.23 1.10 11.59
N ILE B 60 26.04 0.90 10.29
CA ILE B 60 25.31 1.85 9.47
C ILE B 60 23.95 2.23 10.09
N LYS B 61 23.56 3.49 9.91
CA LYS B 61 22.30 4.00 10.42
C LYS B 61 21.66 4.93 9.40
N PRO B 62 21.10 4.36 8.32
CA PRO B 62 20.43 5.05 7.20
C PRO B 62 19.25 5.94 7.56
N HIS B 63 19.06 7.00 6.76
CA HIS B 63 17.98 7.97 6.91
C HIS B 63 17.37 8.46 5.58
N HIS B 64 16.08 8.20 5.41
CA HIS B 64 15.28 8.56 4.23
C HIS B 64 15.53 9.97 3.69
N ASP B 65 14.48 10.55 3.10
CA ASP B 65 14.54 11.91 2.55
C ASP B 65 14.25 12.82 3.73
N CYS B 66 15.28 13.48 4.23
CA CYS B 66 15.12 14.36 5.37
C CYS B 66 15.09 15.83 4.97
N THR B 67 14.29 16.61 5.70
CA THR B 67 14.21 18.05 5.46
C THR B 67 15.18 18.70 6.45
N VAL B 68 15.62 19.91 6.13
CA VAL B 68 16.58 20.61 6.99
C VAL B 68 16.34 20.40 8.48
N GLU B 69 15.15 20.76 8.94
CA GLU B 69 14.77 20.63 10.36
C GLU B 69 15.00 19.23 10.93
N GLN B 70 14.66 18.22 10.14
CA GLN B 70 14.82 16.83 10.55
C GLN B 70 16.31 16.52 10.63
N ILE B 71 17.04 16.87 9.58
CA ILE B 71 18.47 16.64 9.53
C ILE B 71 19.11 17.14 10.83
N TYR B 72 18.89 18.41 11.16
CA TYR B 72 19.43 19.00 12.38
C TYR B 72 19.11 18.20 13.61
N GLU B 73 17.87 17.70 13.70
CA GLU B 73 17.45 16.89 14.84
C GLU B 73 18.22 15.58 14.83
N ILE B 74 18.26 14.94 13.65
CA ILE B 74 18.96 13.67 13.47
C ILE B 74 20.37 13.84 14.00
N LEU B 75 20.98 14.98 13.70
CA LEU B 75 22.33 15.25 14.15
C LEU B 75 22.38 15.58 15.64
N LYS B 76 21.39 16.31 16.13
CA LYS B 76 21.34 16.66 17.56
C LYS B 76 21.15 15.42 18.43
N ILE B 77 20.77 14.31 17.80
CA ILE B 77 20.54 13.06 18.52
C ILE B 77 21.84 12.29 18.75
N TYR B 78 22.56 12.07 17.66
CA TYR B 78 23.84 11.34 17.70
C TYR B 78 24.94 12.17 18.34
N GLN B 79 24.54 13.29 18.93
CA GLN B 79 25.47 14.20 19.58
C GLN B 79 25.45 14.06 21.11
N LEU B 80 24.27 13.78 21.66
CA LEU B 80 24.11 13.60 23.10
C LEU B 80 24.38 12.13 23.45
N MET B 81 24.60 11.33 22.41
CA MET B 81 24.86 9.91 22.57
C MET B 81 26.28 9.67 23.03
N ASP B 82 26.52 8.52 23.63
CA ASP B 82 27.85 8.17 24.08
C ASP B 82 28.58 7.43 22.95
N HIS B 83 29.83 7.80 22.71
CA HIS B 83 30.63 7.18 21.65
C HIS B 83 31.92 6.60 22.20
N SER B 84 31.96 6.39 23.51
CA SER B 84 33.15 5.86 24.17
C SER B 84 33.61 4.53 23.59
N ASN B 85 32.66 3.61 23.45
CA ASN B 85 32.93 2.28 22.92
C ASN B 85 33.17 2.36 21.42
N MET B 86 33.05 3.57 20.89
CA MET B 86 33.23 3.83 19.48
C MET B 86 34.54 4.57 19.30
N ASP B 87 35.31 4.18 18.30
CA ASP B 87 36.59 4.83 18.03
C ASP B 87 36.56 5.68 16.76
N CYS B 88 35.38 5.89 16.21
CA CYS B 88 35.22 6.68 14.99
C CYS B 88 33.74 7.01 14.72
N PHE B 89 33.49 8.16 14.12
CA PHE B 89 32.13 8.59 13.80
C PHE B 89 32.09 9.15 12.37
N ILE B 90 31.23 8.58 11.53
CA ILE B 90 31.12 9.05 10.15
C ILE B 90 29.73 9.52 9.79
N CYS B 91 29.67 10.56 8.96
CA CYS B 91 28.41 11.14 8.52
C CYS B 91 28.49 11.44 7.02
N CYS B 92 27.49 11.00 6.27
CA CYS B 92 27.45 11.20 4.81
C CYS B 92 26.17 11.87 4.37
N ILE B 93 26.27 13.01 3.70
CA ILE B 93 25.10 13.73 3.23
C ILE B 93 25.02 13.72 1.71
N LEU B 94 23.88 13.28 1.18
CA LEU B 94 23.70 13.22 -0.26
C LEU B 94 22.48 14.01 -0.68
N SER B 95 22.69 15.09 -1.44
CA SER B 95 21.60 15.94 -1.89
C SER B 95 22.10 17.16 -2.64
N HIS B 96 21.17 18.00 -3.09
CA HIS B 96 21.53 19.22 -3.80
C HIS B 96 22.15 20.22 -2.82
N GLY B 97 22.82 21.22 -3.37
CA GLY B 97 23.45 22.23 -2.55
C GLY B 97 23.82 23.49 -3.33
N ASP B 98 24.65 24.32 -2.70
CA ASP B 98 25.13 25.55 -3.30
C ASP B 98 26.14 26.12 -2.30
N LYS B 99 26.90 27.14 -2.72
CA LYS B 99 27.89 27.80 -1.87
C LYS B 99 27.79 27.37 -0.40
N GLY B 100 28.66 26.46 0.02
CA GLY B 100 28.67 25.99 1.40
C GLY B 100 27.35 25.66 2.11
N ILE B 101 26.38 25.12 1.38
CA ILE B 101 25.09 24.77 1.97
C ILE B 101 24.60 23.45 1.40
N ILE B 102 23.71 22.79 2.11
CA ILE B 102 23.17 21.51 1.67
C ILE B 102 21.65 21.51 1.79
N TYR B 103 20.97 21.64 0.65
CA TYR B 103 19.51 21.66 0.61
C TYR B 103 18.90 20.38 1.18
N GLY B 104 17.70 20.49 1.73
CA GLY B 104 17.03 19.31 2.28
C GLY B 104 15.74 19.08 1.51
N THR B 105 15.08 17.95 1.75
CA THR B 105 13.83 17.63 1.07
C THR B 105 12.93 18.86 0.94
N ASP B 106 12.80 19.63 2.03
CA ASP B 106 11.97 20.83 2.08
C ASP B 106 12.34 21.91 1.06
N GLY B 107 13.62 22.25 0.98
CA GLY B 107 14.04 23.25 0.01
C GLY B 107 14.78 24.45 0.57
N GLN B 108 15.05 24.44 1.87
CA GLN B 108 15.77 25.53 2.52
C GLN B 108 17.21 25.06 2.77
N GLU B 109 18.19 25.96 2.66
CA GLU B 109 19.59 25.59 2.87
C GLU B 109 19.89 25.15 4.30
N ALA B 110 21.17 24.88 4.55
CA ALA B 110 21.65 24.44 5.86
C ALA B 110 23.16 24.44 5.82
N PRO B 111 23.77 25.61 6.09
CA PRO B 111 25.21 25.78 6.09
C PRO B 111 25.95 24.58 6.67
N ILE B 112 26.97 24.14 5.95
CA ILE B 112 27.76 22.98 6.37
C ILE B 112 28.36 23.22 7.76
N TYR B 113 28.84 24.44 7.98
CA TYR B 113 29.43 24.77 9.27
C TYR B 113 28.52 24.40 10.42
N GLU B 114 27.24 24.67 10.24
CA GLU B 114 26.24 24.41 11.28
C GLU B 114 25.95 22.93 11.48
N LEU B 115 26.39 22.12 10.52
CA LEU B 115 26.18 20.68 10.59
C LEU B 115 27.42 20.03 11.20
N THR B 116 28.55 20.34 10.61
CA THR B 116 29.83 19.79 11.05
C THR B 116 30.32 20.27 12.41
N SER B 117 29.97 21.50 12.78
CA SER B 117 30.39 22.03 14.07
C SER B 117 29.54 21.45 15.20
N GLN B 118 28.55 20.66 14.84
CA GLN B 118 27.66 20.04 15.80
C GLN B 118 28.37 18.94 16.55
N PHE B 119 29.52 18.50 16.02
CA PHE B 119 30.27 17.43 16.64
C PHE B 119 31.66 17.81 17.07
N THR B 120 31.80 19.01 17.61
CA THR B 120 33.10 19.46 18.09
C THR B 120 33.46 18.63 19.32
N GLY B 121 34.55 18.99 19.98
CA GLY B 121 34.95 18.25 21.17
C GLY B 121 34.07 18.67 22.32
N LEU B 122 33.65 19.93 22.29
CA LEU B 122 32.79 20.48 23.32
C LEU B 122 31.39 19.88 23.24
N LYS B 123 30.74 20.10 22.10
CA LYS B 123 29.40 19.59 21.88
C LYS B 123 29.28 18.09 22.12
N CYS B 124 30.34 17.34 21.77
CA CYS B 124 30.31 15.90 22.01
C CYS B 124 31.60 15.47 22.67
N PRO B 125 31.62 15.46 24.01
CA PRO B 125 32.82 15.06 24.75
C PRO B 125 33.22 13.62 24.45
N SER B 126 32.22 12.81 24.10
CA SER B 126 32.44 11.39 23.79
C SER B 126 33.32 11.17 22.56
N LEU B 127 33.19 12.03 21.56
CA LEU B 127 33.97 11.91 20.33
C LEU B 127 35.28 12.70 20.36
N ALA B 128 35.56 13.35 21.48
CA ALA B 128 36.77 14.14 21.63
C ALA B 128 38.03 13.28 21.55
N GLY B 129 38.87 13.53 20.55
CA GLY B 129 40.08 12.75 20.39
C GLY B 129 39.89 11.62 19.41
N LYS B 130 38.65 11.42 19.00
CA LYS B 130 38.29 10.38 18.05
C LYS B 130 37.94 11.03 16.69
N PRO B 131 38.40 10.43 15.58
CA PRO B 131 38.16 10.92 14.24
C PRO B 131 36.70 11.03 13.84
N LYS B 132 36.31 12.23 13.41
CA LYS B 132 34.94 12.53 12.95
C LYS B 132 35.00 12.79 11.45
N VAL B 133 34.47 11.84 10.68
CA VAL B 133 34.49 11.95 9.22
C VAL B 133 33.15 12.39 8.61
N PHE B 134 33.21 13.32 7.66
CA PHE B 134 32.03 13.83 6.97
C PHE B 134 32.27 13.80 5.47
N PHE B 135 31.32 13.23 4.73
CA PHE B 135 31.42 13.16 3.28
C PHE B 135 30.18 13.87 2.75
N ILE B 136 30.39 15.00 2.08
CA ILE B 136 29.28 15.79 1.54
C ILE B 136 29.12 15.80 0.03
N GLN B 137 28.25 14.93 -0.45
CA GLN B 137 27.95 14.84 -1.86
C GLN B 137 26.86 15.84 -2.21
N ALA B 138 27.27 17.01 -2.72
CA ALA B 138 26.36 18.05 -3.13
C ALA B 138 27.01 19.07 -4.03
N CYS B 139 26.20 19.91 -4.62
CA CYS B 139 26.67 20.93 -5.50
C CYS B 139 27.27 22.03 -4.64
N GLN B 140 27.92 23.01 -5.20
CA GLN B 140 28.51 24.09 -4.39
C GLN B 140 28.67 25.36 -5.23
N GLY B 141 27.83 25.42 -6.26
CA GLY B 141 27.85 26.54 -7.17
C GLY B 141 27.15 26.11 -8.44
N ASP B 142 27.04 27.05 -9.38
CA ASP B 142 26.40 26.84 -10.67
C ASP B 142 27.46 26.76 -11.77
N ASN B 143 28.68 27.14 -11.43
CA ASN B 143 29.76 27.12 -12.41
C ASN B 143 30.30 25.72 -12.69
N TYR B 144 30.69 25.49 -13.94
CA TYR B 144 31.26 24.21 -14.35
C TYR B 144 32.75 24.44 -14.30
N GLN B 145 33.49 23.45 -13.80
CA GLN B 145 34.93 23.56 -13.70
C GLN B 145 35.56 23.27 -15.06
N LYS B 146 36.37 24.20 -15.57
CA LYS B 146 37.01 23.99 -16.85
C LYS B 146 38.06 22.88 -16.70
N GLY B 147 38.62 22.42 -17.81
CA GLY B 147 39.62 21.38 -17.74
C GLY B 147 40.83 21.70 -18.60
N ILE B 148 41.97 21.92 -17.97
CA ILE B 148 43.19 22.25 -18.70
C ILE B 148 43.95 20.97 -19.11
N PRO B 149 44.64 20.98 -20.27
CA PRO B 149 45.41 19.83 -20.77
C PRO B 149 46.69 19.61 -19.95
N VAL B 150 46.82 18.46 -19.29
CA VAL B 150 48.01 18.18 -18.49
C VAL B 150 49.18 17.76 -19.37
N GLU B 151 48.90 16.86 -20.30
CA GLU B 151 49.89 16.35 -21.24
C GLU B 151 50.91 15.45 -20.53
N THR B 152 50.41 14.47 -19.79
CA THR B 152 51.25 13.54 -19.04
C THR B 152 50.44 12.41 -18.43
N ASP B 153 50.84 12.02 -17.21
CA ASP B 153 50.20 10.96 -16.44
C ASP B 153 50.08 9.65 -17.23
N THR B 169 46.01 12.57 28.75
CA THR B 169 46.35 13.24 30.03
C THR B 169 46.15 14.75 29.91
N ARG B 170 46.38 15.27 28.71
CA ARG B 170 46.26 16.70 28.45
C ARG B 170 45.03 17.15 27.64
N TYR B 171 45.00 18.45 27.32
CA TYR B 171 43.92 19.08 26.56
C TYR B 171 44.29 19.28 25.07
N ILE B 172 43.35 19.04 24.17
CA ILE B 172 43.58 19.22 22.74
C ILE B 172 42.59 20.26 22.19
N PRO B 173 42.93 20.90 21.06
CA PRO B 173 42.03 21.89 20.49
C PRO B 173 40.62 21.33 20.38
N ASP B 174 39.63 22.21 20.36
CA ASP B 174 38.21 21.81 20.29
C ASP B 174 37.76 21.31 18.91
N GLU B 175 38.39 21.79 17.85
CA GLU B 175 38.00 21.38 16.50
C GLU B 175 39.02 20.47 15.83
N ALA B 176 39.73 19.68 16.63
CA ALA B 176 40.71 18.78 16.05
C ALA B 176 40.07 17.45 15.62
N ASP B 177 40.86 16.63 14.93
CA ASP B 177 40.39 15.33 14.47
C ASP B 177 39.17 15.45 13.56
N PHE B 178 39.28 16.27 12.52
CA PHE B 178 38.19 16.45 11.60
C PHE B 178 38.60 16.13 10.19
N LEU B 179 37.83 15.30 9.52
CA LEU B 179 38.08 14.96 8.14
C LEU B 179 36.83 15.37 7.41
N LEU B 180 36.99 16.12 6.33
CA LEU B 180 35.85 16.60 5.59
C LEU B 180 36.01 16.37 4.11
N GLY B 181 35.30 15.37 3.59
CA GLY B 181 35.39 15.08 2.18
C GLY B 181 34.37 15.86 1.37
N MET B 182 34.87 16.74 0.50
CA MET B 182 34.00 17.55 -0.35
C MET B 182 33.93 17.01 -1.76
N ALA B 183 32.75 16.54 -2.15
CA ALA B 183 32.53 16.00 -3.48
C ALA B 183 33.13 16.91 -4.56
N THR B 184 33.18 18.21 -4.28
CA THR B 184 33.73 19.16 -5.24
C THR B 184 34.25 20.43 -4.58
N VAL B 185 35.16 21.12 -5.27
CA VAL B 185 35.70 22.38 -4.76
C VAL B 185 34.51 23.31 -4.65
N ASN B 186 34.72 24.52 -4.15
CA ASN B 186 33.59 25.44 -4.02
C ASN B 186 33.22 26.14 -5.33
N ASN B 187 32.00 26.67 -5.37
CA ASN B 187 31.48 27.38 -6.53
C ASN B 187 31.19 26.50 -7.72
N CYS B 188 31.64 25.24 -7.67
CA CYS B 188 31.43 24.34 -8.78
C CYS B 188 30.39 23.25 -8.56
N VAL B 189 30.14 22.47 -9.60
CA VAL B 189 29.13 21.42 -9.56
C VAL B 189 29.60 19.98 -9.40
N SER B 190 28.77 19.20 -8.70
CA SER B 190 29.03 17.78 -8.48
C SER B 190 28.28 17.03 -9.56
N TYR B 191 28.78 15.85 -9.92
CA TYR B 191 28.16 15.07 -10.97
C TYR B 191 27.61 13.77 -10.43
N ARG B 192 26.33 13.52 -10.74
CA ARG B 192 25.65 12.30 -10.32
C ARG B 192 25.07 11.62 -11.53
N ASN B 193 25.43 10.36 -11.71
CA ASN B 193 24.92 9.60 -12.84
C ASN B 193 23.82 8.67 -12.35
N PRO B 194 22.62 8.80 -12.96
CA PRO B 194 21.44 7.99 -12.60
C PRO B 194 21.65 6.49 -12.68
N ALA B 195 22.41 6.02 -13.67
CA ALA B 195 22.65 4.59 -13.85
C ALA B 195 23.68 3.96 -12.92
N GLU B 196 24.84 4.60 -12.74
CA GLU B 196 25.88 4.06 -11.89
C GLU B 196 25.91 4.66 -10.49
N GLY B 197 25.87 5.98 -10.40
CA GLY B 197 25.88 6.65 -9.11
C GLY B 197 26.62 7.95 -9.27
N THR B 198 27.18 8.49 -8.19
CA THR B 198 27.92 9.74 -8.30
C THR B 198 29.42 9.46 -8.31
N TRP B 199 30.14 10.29 -9.06
CA TRP B 199 31.58 10.15 -9.19
C TRP B 199 32.28 10.08 -7.84
N TYR B 200 32.28 11.19 -7.12
CA TYR B 200 32.95 11.22 -5.82
C TYR B 200 32.66 9.97 -5.01
N ILE B 201 31.43 9.87 -4.51
CA ILE B 201 30.98 8.75 -3.69
C ILE B 201 31.34 7.36 -4.21
N GLN B 202 31.31 7.18 -5.53
CA GLN B 202 31.65 5.89 -6.14
C GLN B 202 33.15 5.65 -6.08
N SER B 203 33.92 6.68 -6.37
CA SER B 203 35.37 6.56 -6.31
C SER B 203 35.78 6.41 -4.86
N LEU B 204 35.13 7.18 -4.00
CA LEU B 204 35.42 7.11 -2.58
C LEU B 204 35.36 5.68 -2.13
N CYS B 205 34.46 4.91 -2.71
CA CYS B 205 34.31 3.52 -2.31
C CYS B 205 35.24 2.58 -3.07
N GLN B 206 35.14 2.60 -4.40
CA GLN B 206 35.98 1.74 -5.24
C GLN B 206 37.43 1.88 -4.83
N SER B 207 37.79 3.07 -4.36
CA SER B 207 39.14 3.38 -3.94
C SER B 207 39.35 3.04 -2.47
N LEU B 208 38.29 3.14 -1.69
CA LEU B 208 38.34 2.83 -0.27
C LEU B 208 38.34 1.33 -0.13
N ARG B 209 37.21 0.73 -0.48
CA ARG B 209 37.00 -0.71 -0.40
C ARG B 209 38.14 -1.54 -0.96
N GLU B 210 39.08 -0.90 -1.63
CA GLU B 210 40.21 -1.64 -2.17
C GLU B 210 41.51 -1.34 -1.45
N ARG B 211 41.72 -0.08 -1.07
CA ARG B 211 42.94 0.30 -0.37
C ARG B 211 42.93 0.03 1.14
N CYS B 212 41.76 -0.19 1.70
CA CYS B 212 41.65 -0.46 3.12
C CYS B 212 42.26 -1.81 3.50
N PRO B 213 42.15 -2.81 2.61
CA PRO B 213 42.75 -4.11 2.93
C PRO B 213 44.26 -3.97 3.13
N ARG B 214 44.91 -3.30 2.18
CA ARG B 214 46.34 -3.09 2.22
C ARG B 214 46.79 -1.97 3.17
N GLY B 215 45.99 -1.72 4.19
CA GLY B 215 46.30 -0.70 5.19
C GLY B 215 46.82 0.67 4.79
N ASP B 216 45.98 1.49 4.16
CA ASP B 216 46.37 2.84 3.76
C ASP B 216 45.44 3.81 4.47
N ASP B 217 45.96 4.94 4.93
CA ASP B 217 45.10 5.90 5.61
C ASP B 217 44.14 6.54 4.62
N ILE B 218 43.17 7.28 5.14
CA ILE B 218 42.19 7.93 4.30
C ILE B 218 42.81 9.06 3.51
N LEU B 219 43.76 9.77 4.11
CA LEU B 219 44.42 10.89 3.44
C LEU B 219 45.10 10.41 2.17
N THR B 220 45.59 9.17 2.18
CA THR B 220 46.24 8.60 1.01
C THR B 220 45.15 8.25 -0.01
N ILE B 221 44.11 7.58 0.48
CA ILE B 221 43.00 7.17 -0.35
C ILE B 221 42.29 8.34 -1.04
N LEU B 222 42.11 9.46 -0.34
CA LEU B 222 41.44 10.60 -0.96
C LEU B 222 42.26 11.21 -2.09
N THR B 223 43.57 11.05 -2.02
CA THR B 223 44.41 11.60 -3.08
C THR B 223 44.11 10.83 -4.38
N GLU B 224 43.84 9.53 -4.26
CA GLU B 224 43.52 8.74 -5.44
C GLU B 224 42.17 9.20 -5.98
N VAL B 225 41.20 9.34 -5.08
CA VAL B 225 39.86 9.78 -5.44
C VAL B 225 39.90 11.09 -6.23
N ASN B 226 40.83 11.98 -5.86
CA ASN B 226 40.98 13.25 -6.56
C ASN B 226 41.52 12.94 -7.94
N TYR B 227 42.29 11.86 -8.04
CA TYR B 227 42.85 11.47 -9.32
C TYR B 227 41.75 11.00 -10.27
N GLU B 228 40.94 10.05 -9.81
CA GLU B 228 39.87 9.51 -10.63
C GLU B 228 38.87 10.56 -11.12
N VAL B 229 38.15 11.18 -10.19
CA VAL B 229 37.16 12.19 -10.54
C VAL B 229 37.76 13.31 -11.40
N SER B 230 39.08 13.46 -11.35
CA SER B 230 39.74 14.50 -12.14
C SER B 230 39.83 14.01 -13.59
N ASN B 231 39.72 12.69 -13.79
CA ASN B 231 39.75 12.11 -15.15
C ASN B 231 38.31 12.00 -15.69
N LYS B 232 37.36 11.72 -14.80
CA LYS B 232 35.95 11.63 -15.18
C LYS B 232 35.62 12.93 -15.88
N ASP B 233 35.05 12.83 -17.07
CA ASP B 233 34.70 14.02 -17.84
C ASP B 233 33.23 14.00 -18.23
N ASP B 234 32.60 15.17 -18.17
CA ASP B 234 31.19 15.33 -18.52
C ASP B 234 31.10 15.47 -20.03
N LYS B 235 31.19 14.33 -20.70
CA LYS B 235 31.15 14.25 -22.17
C LYS B 235 30.35 15.37 -22.79
N LYS B 236 29.20 15.67 -22.19
CA LYS B 236 28.32 16.71 -22.68
C LYS B 236 28.89 18.13 -22.63
N ASN B 237 28.62 18.83 -21.53
CA ASN B 237 29.06 20.19 -21.34
C ASN B 237 30.52 20.32 -20.89
N MET B 238 31.44 19.71 -21.63
CA MET B 238 32.88 19.75 -21.33
C MET B 238 33.22 19.95 -19.84
N GLY B 239 32.44 19.33 -18.97
CA GLY B 239 32.67 19.50 -17.55
C GLY B 239 33.77 18.70 -16.89
N LYS B 240 34.14 19.14 -15.70
CA LYS B 240 35.15 18.51 -14.86
C LYS B 240 34.76 18.68 -13.40
N GLN B 241 35.01 17.65 -12.60
CA GLN B 241 34.70 17.72 -11.17
C GLN B 241 36.01 17.50 -10.46
N MET B 242 36.27 18.31 -9.44
CA MET B 242 37.51 18.20 -8.67
C MET B 242 37.23 18.20 -7.17
N PRO B 243 37.21 17.01 -6.54
CA PRO B 243 36.96 16.92 -5.10
C PRO B 243 38.01 17.70 -4.35
N GLN B 244 37.77 17.93 -3.06
CA GLN B 244 38.73 18.68 -2.26
C GLN B 244 38.50 18.51 -0.77
N PRO B 245 39.24 17.60 -0.13
CA PRO B 245 39.09 17.38 1.31
C PRO B 245 39.80 18.43 2.15
N THR B 246 39.44 18.46 3.43
CA THR B 246 40.04 19.36 4.40
C THR B 246 40.08 18.58 5.70
N PHE B 247 41.21 18.65 6.38
CA PHE B 247 41.35 17.92 7.64
C PHE B 247 42.11 18.66 8.72
N THR B 248 41.76 18.35 9.96
CA THR B 248 42.39 18.93 11.12
C THR B 248 42.73 17.72 11.97
N LEU B 249 43.12 16.64 11.30
CA LEU B 249 43.48 15.39 11.97
C LEU B 249 44.84 15.43 12.62
N ARG B 250 45.03 14.57 13.62
CA ARG B 250 46.29 14.51 14.35
C ARG B 250 47.14 13.25 14.12
N LYS B 251 46.53 12.20 13.57
CA LYS B 251 47.24 10.95 13.30
C LYS B 251 46.67 10.30 12.04
N LYS B 252 47.34 9.26 11.53
CA LYS B 252 46.87 8.57 10.33
C LYS B 252 45.54 7.89 10.63
N LEU B 253 44.54 8.13 9.79
CA LEU B 253 43.23 7.52 9.96
C LEU B 253 43.21 6.26 9.10
N VAL B 254 43.03 5.12 9.74
CA VAL B 254 43.01 3.87 9.00
C VAL B 254 42.11 2.83 9.66
N PHE B 255 41.25 2.18 8.88
CA PHE B 255 40.40 1.15 9.45
C PHE B 255 40.52 -0.21 8.75
N PRO B 256 41.01 -1.21 9.48
CA PRO B 256 41.20 -2.58 8.99
C PRO B 256 39.91 -3.41 9.13
N SER B 257 39.84 -4.55 8.47
CA SER B 257 38.63 -5.38 8.54
C SER B 257 38.88 -6.89 8.51
N ASP B 258 38.00 -7.60 7.81
CA ASP B 258 38.09 -9.05 7.66
C ASP B 258 37.27 -9.56 6.48
N CYS C 1 -27.80 -17.79 16.92
CA CYS C 1 -27.92 -18.69 15.70
C CYS C 1 -27.17 -20.03 15.74
N VAL C 2 -27.61 -20.91 16.67
CA VAL C 2 -27.06 -22.31 16.89
C VAL C 2 -27.06 -22.60 18.43
N ILE C 3 -27.18 -23.87 18.86
CA ILE C 3 -27.18 -24.19 20.33
C ILE C 3 -26.54 -25.51 20.76
N PHE C 4 -25.86 -26.12 19.81
CA PHE C 4 -25.21 -27.39 20.02
C PHE C 4 -23.72 -27.48 20.37
N PRO C 5 -23.11 -26.39 20.87
CA PRO C 5 -21.68 -26.52 21.19
C PRO C 5 -21.31 -27.15 22.54
N VAL C 6 -20.41 -26.47 23.25
CA VAL C 6 -19.88 -26.87 24.56
C VAL C 6 -20.61 -27.99 25.28
N GLU C 7 -19.89 -29.08 25.54
CA GLU C 7 -20.47 -30.24 26.21
C GLU C 7 -19.38 -31.15 26.78
N ILE C 8 -19.62 -32.46 26.71
CA ILE C 8 -18.66 -33.44 27.22
C ILE C 8 -17.44 -33.50 26.28
N ASP C 9 -16.73 -32.39 26.20
CA ASP C 9 -15.55 -32.29 25.36
C ASP C 9 -14.82 -31.03 25.80
N VAL C 10 -15.60 -30.07 26.29
CA VAL C 10 -15.04 -28.81 26.75
C VAL C 10 -14.49 -29.00 28.15
N SER C 11 -13.18 -29.20 28.22
CA SER C 11 -12.53 -29.39 29.50
C SER C 11 -11.02 -29.29 29.38
N GLN C 12 -10.55 -28.05 29.23
CA GLN C 12 -9.13 -27.77 29.19
C GLN C 12 -8.79 -27.48 30.66
N THR C 13 -8.56 -26.20 30.98
CA THR C 13 -8.31 -25.78 32.36
C THR C 13 -8.48 -24.28 32.45
N ILE C 14 -9.17 -23.86 33.48
CA ILE C 14 -9.42 -22.45 33.69
C ILE C 14 -8.93 -22.07 35.08
N ILE C 15 -8.03 -21.09 35.14
CA ILE C 15 -7.47 -20.65 36.40
C ILE C 15 -7.57 -19.15 36.59
N ARG C 16 -8.13 -18.73 37.72
CA ARG C 16 -8.21 -17.31 38.02
C ARG C 16 -7.68 -17.02 39.40
N ASP C 17 -6.73 -16.09 39.45
CA ASP C 17 -6.13 -15.71 40.71
C ASP C 17 -6.18 -14.22 40.89
N CYS C 18 -7.08 -13.76 41.74
CA CYS C 18 -7.20 -12.34 42.01
C CYS C 18 -6.90 -12.05 43.46
N GLN C 19 -6.51 -10.81 43.72
CA GLN C 19 -6.24 -10.42 45.08
C GLN C 19 -7.56 -9.83 45.51
N VAL C 20 -8.03 -10.27 46.68
CA VAL C 20 -9.31 -9.81 47.19
C VAL C 20 -9.16 -8.65 48.17
N ASP C 21 -7.99 -8.51 48.77
CA ASP C 21 -7.76 -7.43 49.72
C ASP C 21 -6.30 -7.29 50.10
N LYS C 22 -6.06 -6.58 51.19
CA LYS C 22 -4.73 -6.34 51.71
C LYS C 22 -3.88 -7.61 51.61
N GLN C 23 -4.10 -8.57 52.51
CA GLN C 23 -3.30 -9.79 52.45
C GLN C 23 -4.03 -11.09 52.11
N THR C 24 -4.90 -11.07 51.12
CA THR C 24 -5.59 -12.30 50.74
C THR C 24 -5.93 -12.34 49.26
N ARG C 25 -5.68 -13.49 48.67
CA ARG C 25 -6.00 -13.68 47.26
C ARG C 25 -6.90 -14.89 47.20
N GLU C 26 -7.65 -14.98 46.11
CA GLU C 26 -8.53 -16.12 45.94
C GLU C 26 -8.23 -16.74 44.58
N LEU C 27 -8.16 -18.07 44.57
CA LEU C 27 -7.85 -18.86 43.40
C LEU C 27 -8.98 -19.75 42.90
N VAL C 28 -9.38 -19.55 41.65
CA VAL C 28 -10.42 -20.35 41.02
C VAL C 28 -9.67 -21.38 40.16
N TYR C 29 -10.06 -22.64 40.25
CA TYR C 29 -9.37 -23.69 39.50
C TYR C 29 -10.35 -24.72 38.97
N ILE C 30 -10.47 -24.81 37.64
CA ILE C 30 -11.37 -25.75 36.99
C ILE C 30 -10.59 -26.61 36.01
N ASN C 31 -10.59 -27.92 36.20
CA ASN C 31 -9.86 -28.81 35.31
C ASN C 31 -10.77 -29.89 34.74
N LYS C 32 -10.24 -30.62 33.77
CA LYS C 32 -10.99 -31.68 33.12
C LYS C 32 -11.60 -32.70 34.09
N ILE C 33 -10.78 -33.27 34.96
CA ILE C 33 -11.23 -34.27 35.92
C ILE C 33 -12.44 -33.86 36.78
N MET C 34 -12.46 -32.62 37.24
CA MET C 34 -13.56 -32.11 38.06
C MET C 34 -14.88 -32.03 37.30
N ASN C 35 -14.82 -32.21 35.99
CA ASN C 35 -16.02 -32.14 35.17
C ASN C 35 -16.43 -33.53 34.67
N THR C 36 -16.15 -34.57 35.45
CA THR C 36 -16.50 -35.92 35.04
C THR C 36 -16.93 -36.75 36.23
N GLN C 37 -17.91 -37.63 36.01
CA GLN C 37 -18.44 -38.49 37.06
C GLN C 37 -17.41 -39.45 37.70
N LEU C 38 -16.66 -38.94 38.66
CA LEU C 38 -15.65 -39.74 39.35
C LEU C 38 -16.34 -40.96 39.94
N THR C 39 -15.67 -42.11 39.90
CA THR C 39 -16.24 -43.33 40.46
C THR C 39 -15.37 -43.84 41.60
N LYS C 40 -14.22 -43.19 41.78
CA LYS C 40 -13.25 -43.51 42.83
C LYS C 40 -12.64 -42.21 43.32
N PRO C 41 -11.98 -42.24 44.49
CA PRO C 41 -11.35 -41.04 45.04
C PRO C 41 -10.26 -40.50 44.11
N VAL C 42 -10.42 -39.27 43.65
CA VAL C 42 -9.46 -38.66 42.74
C VAL C 42 -8.52 -37.67 43.43
N LEU C 43 -7.21 -37.85 43.24
CA LEU C 43 -6.20 -36.97 43.84
C LEU C 43 -5.64 -35.99 42.80
N MET C 44 -5.33 -34.78 43.24
CA MET C 44 -4.76 -33.74 42.39
C MET C 44 -3.98 -32.79 43.31
N MET C 45 -2.84 -32.28 42.84
CA MET C 45 -2.03 -31.40 43.68
C MET C 45 -1.47 -30.21 42.91
N PHE C 46 -1.16 -29.12 43.63
CA PHE C 46 -0.60 -27.93 43.01
C PHE C 46 0.01 -26.96 44.03
N ASN C 47 0.73 -25.96 43.54
CA ASN C 47 1.41 -24.99 44.39
C ASN C 47 0.67 -23.66 44.59
N ILE C 48 0.78 -23.13 45.80
CA ILE C 48 0.16 -21.87 46.17
C ILE C 48 1.21 -21.00 46.85
N SER C 49 1.09 -19.69 46.68
CA SER C 49 2.02 -18.73 47.25
C SER C 49 2.00 -18.69 48.77
N GLY C 50 0.86 -18.99 49.37
CA GLY C 50 0.75 -18.97 50.82
C GLY C 50 -0.25 -20.00 51.32
N PRO C 51 -0.48 -20.08 52.64
CA PRO C 51 -1.43 -21.06 53.17
C PRO C 51 -2.90 -20.69 52.97
N ILE C 52 -3.72 -21.71 52.76
CA ILE C 52 -5.16 -21.54 52.52
C ILE C 52 -5.97 -21.36 53.80
N ARG C 53 -6.85 -20.37 53.82
CA ARG C 53 -7.69 -20.14 54.99
C ARG C 53 -9.13 -20.60 54.73
N SER C 54 -9.48 -20.78 53.45
CA SER C 54 -10.82 -21.26 53.09
C SER C 54 -10.98 -21.85 51.70
N VAL C 55 -11.57 -23.04 51.64
CA VAL C 55 -11.83 -23.74 50.38
C VAL C 55 -13.33 -23.84 50.16
N THR C 56 -13.77 -23.46 48.97
CA THR C 56 -15.19 -23.46 48.66
C THR C 56 -15.55 -23.90 47.25
N ARG C 57 -16.84 -24.10 47.01
CA ARG C 57 -17.30 -24.49 45.69
C ARG C 57 -18.12 -23.37 45.08
N LYS C 58 -17.91 -23.14 43.79
CA LYS C 58 -18.62 -22.10 43.09
C LYS C 58 -19.34 -22.65 41.87
N ASN C 59 -20.27 -21.87 41.35
CA ASN C 59 -21.07 -22.26 40.19
C ASN C 59 -20.24 -22.30 38.91
N ASN C 60 -20.54 -23.28 38.06
CA ASN C 60 -19.82 -23.43 36.79
C ASN C 60 -20.05 -22.34 35.74
N ASN C 61 -21.02 -21.46 35.94
CA ASN C 61 -21.25 -20.38 34.97
C ASN C 61 -19.96 -19.58 34.96
N LEU C 62 -19.14 -19.83 35.98
CA LEU C 62 -17.87 -19.17 36.17
C LEU C 62 -16.83 -19.61 35.16
N ARG C 63 -16.92 -20.87 34.74
CA ARG C 63 -15.98 -21.43 33.79
C ARG C 63 -15.92 -20.63 32.49
N ASP C 64 -17.07 -20.26 31.96
CA ASP C 64 -17.11 -19.49 30.71
C ASP C 64 -16.91 -18.00 30.92
N ARG C 65 -17.23 -17.50 32.12
CA ARG C 65 -17.07 -16.08 32.40
C ARG C 65 -15.57 -15.72 32.38
N ILE C 66 -14.76 -16.61 32.94
CA ILE C 66 -13.31 -16.42 32.99
C ILE C 66 -12.72 -16.69 31.62
N LYS C 67 -13.04 -17.86 31.09
CA LYS C 67 -12.56 -18.25 29.77
C LYS C 67 -12.85 -17.18 28.70
N SER C 68 -13.96 -16.46 28.85
CA SER C 68 -14.31 -15.43 27.89
C SER C 68 -13.38 -14.24 28.02
N LYS C 69 -13.41 -13.58 29.19
CA LYS C 69 -12.58 -12.40 29.44
C LYS C 69 -11.16 -12.57 28.88
N VAL C 70 -10.65 -13.80 28.96
CA VAL C 70 -9.30 -14.13 28.47
C VAL C 70 -9.23 -14.23 26.95
N ASP C 71 -9.92 -15.26 26.44
CA ASP C 71 -10.00 -15.57 25.01
C ASP C 71 -10.28 -14.33 24.17
N GLU C 72 -11.00 -13.38 24.74
CA GLU C 72 -11.32 -12.17 24.02
C GLU C 72 -10.10 -11.30 23.85
N GLN C 73 -9.29 -11.18 24.90
CA GLN C 73 -8.08 -10.38 24.85
C GLN C 73 -7.14 -10.87 23.77
N PHE C 74 -6.97 -12.19 23.71
CA PHE C 74 -6.10 -12.78 22.69
C PHE C 74 -6.71 -12.62 21.30
N ASP C 75 -8.00 -12.93 21.16
CA ASP C 75 -8.68 -12.81 19.88
C ASP C 75 -8.48 -11.45 19.23
N GLN C 76 -7.92 -10.50 19.96
CA GLN C 76 -7.68 -9.17 19.42
C GLN C 76 -6.45 -9.23 18.53
N LEU C 77 -5.65 -10.28 18.72
CA LEU C 77 -4.43 -10.50 17.96
C LEU C 77 -4.70 -11.22 16.64
N GLU C 78 -5.33 -12.40 16.74
CA GLU C 78 -5.65 -13.24 15.59
C GLU C 78 -6.34 -12.56 14.43
N ARG C 79 -6.33 -13.24 13.30
CA ARG C 79 -6.95 -12.76 12.07
C ARG C 79 -7.68 -13.87 11.35
N ASP C 80 -8.11 -14.87 12.09
CA ASP C 80 -8.85 -16.02 11.57
C ASP C 80 -9.94 -15.59 10.57
N TYR C 81 -9.90 -16.13 9.36
CA TYR C 81 -10.90 -15.79 8.34
C TYR C 81 -11.81 -16.97 8.02
N SER C 82 -11.78 -18.02 8.84
CA SER C 82 -12.61 -19.19 8.60
C SER C 82 -14.05 -18.78 8.31
N ASP C 83 -14.80 -19.65 7.65
CA ASP C 83 -16.19 -19.38 7.32
C ASP C 83 -17.08 -19.23 8.55
N GLN C 84 -18.01 -18.27 8.50
CA GLN C 84 -18.97 -17.96 9.56
C GLN C 84 -20.38 -18.31 9.10
N MET C 85 -21.32 -18.37 10.05
CA MET C 85 -22.72 -18.72 9.75
C MET C 85 -23.71 -17.74 10.38
N ASP C 86 -25.00 -18.00 10.17
CA ASP C 86 -25.98 -17.09 10.69
C ASP C 86 -26.89 -17.79 11.64
N ILE C 92 -1.11 -30.42 57.75
CA ILE C 92 -1.10 -29.59 58.98
C ILE C 92 -1.99 -28.36 58.74
N LYS C 93 -3.13 -28.58 58.10
CA LYS C 93 -4.05 -27.49 57.79
C LYS C 93 -5.24 -28.01 56.97
N TYR C 94 -5.85 -29.11 57.42
CA TYR C 94 -6.99 -29.75 56.75
C TYR C 94 -8.25 -28.90 56.53
N PHE C 95 -9.04 -29.33 55.56
CA PHE C 95 -10.31 -28.71 55.18
C PHE C 95 -11.16 -29.82 54.58
N LYS C 96 -11.77 -30.63 55.43
CA LYS C 96 -12.60 -31.73 54.94
C LYS C 96 -14.00 -31.28 54.53
N ASP C 97 -14.67 -32.17 53.81
CA ASP C 97 -16.03 -31.94 53.33
C ASP C 97 -16.54 -33.30 52.86
N GLU C 98 -17.82 -33.39 52.52
CA GLU C 98 -18.40 -34.64 52.07
C GLU C 98 -17.76 -35.07 50.76
N HIS C 99 -18.15 -34.41 49.69
CA HIS C 99 -17.61 -34.71 48.37
C HIS C 99 -16.08 -34.59 48.27
N TYR C 100 -15.54 -33.38 48.45
CA TYR C 100 -14.08 -33.19 48.36
C TYR C 100 -13.31 -33.28 49.69
N SER C 101 -12.02 -32.99 49.65
CA SER C 101 -11.20 -33.05 50.86
C SER C 101 -9.82 -32.43 50.64
N VAL C 102 -9.71 -31.12 50.87
CA VAL C 102 -8.45 -30.40 50.69
C VAL C 102 -7.62 -30.31 51.97
N SER C 103 -6.30 -30.29 51.79
CA SER C 103 -5.33 -30.20 52.88
C SER C 103 -4.13 -29.41 52.36
N CYS C 104 -3.72 -28.39 53.12
CA CYS C 104 -2.61 -27.51 52.72
C CYS C 104 -1.38 -27.71 53.58
N GLN C 105 -0.35 -28.36 53.03
CA GLN C 105 0.89 -28.59 53.76
C GLN C 105 2.00 -27.71 53.21
N ASN C 106 2.98 -27.42 54.06
CA ASN C 106 4.09 -26.58 53.68
C ASN C 106 5.12 -27.34 52.86
N GLY C 107 4.90 -27.36 51.55
CA GLY C 107 5.80 -28.05 50.63
C GLY C 107 6.56 -29.26 51.15
N SER C 108 7.74 -28.99 51.71
CA SER C 108 8.60 -30.05 52.25
C SER C 108 7.89 -31.11 53.11
N VAL C 109 7.09 -30.66 54.07
CA VAL C 109 6.38 -31.58 54.95
C VAL C 109 5.54 -32.57 54.16
N LEU C 110 5.12 -32.20 52.95
CA LEU C 110 4.33 -33.11 52.14
C LEU C 110 5.17 -34.32 51.75
N LYS C 111 6.44 -34.08 51.47
CA LYS C 111 7.38 -35.14 51.11
C LYS C 111 7.52 -36.13 52.26
N SER C 112 8.11 -35.65 53.35
CA SER C 112 8.34 -36.47 54.54
C SER C 112 7.19 -37.39 54.92
N LYS C 113 5.98 -36.85 54.95
CA LYS C 113 4.83 -37.65 55.35
C LYS C 113 3.93 -38.20 54.25
N PHE C 114 4.09 -37.72 53.02
CA PHE C 114 3.28 -38.16 51.87
C PHE C 114 2.35 -39.36 52.12
N ALA C 115 2.95 -40.48 52.51
CA ALA C 115 2.20 -41.71 52.79
C ALA C 115 0.86 -41.49 53.50
N LYS C 116 0.83 -40.61 54.49
CA LYS C 116 -0.39 -40.31 55.25
C LYS C 116 -1.60 -39.92 54.38
N ILE C 117 -2.50 -40.87 54.18
CA ILE C 117 -3.70 -40.64 53.39
C ILE C 117 -4.92 -40.36 54.24
N LEU C 118 -4.72 -39.58 55.29
CA LEU C 118 -5.81 -39.22 56.19
C LEU C 118 -6.87 -38.51 55.36
N LYS C 119 -6.48 -38.09 54.15
CA LYS C 119 -7.38 -37.41 53.22
C LYS C 119 -8.26 -38.43 52.52
N SER C 120 -8.00 -39.71 52.81
CA SER C 120 -8.75 -40.83 52.26
C SER C 120 -8.37 -41.32 50.86
N HIS C 121 -7.07 -41.35 50.55
CA HIS C 121 -6.63 -41.86 49.25
C HIS C 121 -5.86 -43.14 49.55
N ASP C 122 -6.43 -43.94 50.42
CA ASP C 122 -5.84 -45.21 50.84
C ASP C 122 -6.18 -46.35 49.87
N TYR C 123 -7.48 -46.55 49.63
CA TYR C 123 -7.99 -47.59 48.73
C TYR C 123 -7.18 -47.72 47.45
N THR C 124 -6.36 -46.70 47.18
CA THR C 124 -5.52 -46.68 45.99
C THR C 124 -4.26 -47.51 46.20
N ASP C 125 -3.91 -47.79 47.45
CA ASP C 125 -2.73 -48.57 47.79
C ASP C 125 -1.47 -47.94 47.20
N LYS C 126 -0.32 -48.58 47.43
CA LYS C 126 0.93 -48.07 46.89
C LYS C 126 0.87 -48.06 45.37
N LYS C 127 0.32 -49.13 44.80
CA LYS C 127 0.18 -49.31 43.35
C LYS C 127 -0.43 -48.08 42.66
N SER C 128 -1.05 -47.20 43.45
CA SER C 128 -1.67 -46.00 42.89
C SER C 128 -1.02 -44.72 43.39
N ILE C 129 -0.66 -44.69 44.67
CA ILE C 129 -0.02 -43.50 45.22
C ILE C 129 1.45 -43.45 44.82
N GLU C 130 2.10 -44.62 44.81
CA GLU C 130 3.50 -44.72 44.43
C GLU C 130 3.75 -43.91 43.17
N ALA C 131 2.71 -43.87 42.33
CA ALA C 131 2.75 -43.14 41.07
C ALA C 131 3.11 -41.65 41.27
N TYR C 132 2.32 -40.97 42.09
CA TYR C 132 2.51 -39.55 42.38
C TYR C 132 3.87 -39.17 42.95
N GLU C 133 4.54 -40.11 43.64
CA GLU C 133 5.84 -39.81 44.24
C GLU C 133 6.99 -39.72 43.26
N LYS C 134 6.78 -40.14 42.02
CA LYS C 134 7.87 -40.06 41.05
C LYS C 134 7.55 -39.20 39.84
N TYR C 135 6.27 -38.94 39.60
CA TYR C 135 5.88 -38.13 38.45
C TYR C 135 5.32 -36.76 38.85
N CYS C 136 4.90 -36.62 40.10
CA CYS C 136 4.32 -35.35 40.58
C CYS C 136 5.17 -34.74 41.67
N LEU C 137 4.99 -35.28 42.86
CA LEU C 137 5.69 -34.85 44.07
C LEU C 137 7.09 -34.29 43.82
N PRO C 138 7.85 -34.89 42.90
CA PRO C 138 9.20 -34.35 42.62
C PRO C 138 9.17 -32.94 42.06
N LYS C 139 8.06 -32.55 41.45
CA LYS C 139 7.96 -31.22 40.87
C LYS C 139 7.04 -30.29 41.66
N LEU C 140 6.88 -30.58 42.96
CA LEU C 140 6.05 -29.78 43.84
C LEU C 140 6.90 -29.15 44.93
N VAL C 141 8.02 -29.79 45.22
CA VAL C 141 8.92 -29.34 46.27
C VAL C 141 10.35 -29.19 45.75
N ASP C 142 11.02 -28.10 46.11
CA ASP C 142 12.40 -27.89 45.68
C ASP C 142 13.26 -27.22 46.75
N GLU C 143 14.43 -26.70 46.35
CA GLU C 143 15.34 -26.05 47.28
C GLU C 143 14.65 -25.02 48.17
N ARG C 144 13.59 -24.41 47.65
CA ARG C 144 12.82 -23.45 48.43
C ARG C 144 11.65 -24.19 49.07
N ASN C 145 11.99 -25.05 50.02
CA ASN C 145 11.05 -25.89 50.77
C ASN C 145 9.78 -25.19 51.25
N ASP C 146 9.55 -24.01 50.69
CA ASP C 146 8.37 -23.20 50.97
C ASP C 146 7.37 -23.74 49.95
N TYR C 147 6.82 -22.87 49.14
CA TYR C 147 5.86 -23.29 48.12
C TYR C 147 4.94 -24.40 48.60
N TYR C 148 3.94 -24.00 49.38
CA TYR C 148 2.96 -24.90 49.95
C TYR C 148 2.27 -25.71 48.85
N VAL C 149 1.90 -26.92 49.18
CA VAL C 149 1.23 -27.76 48.20
C VAL C 149 -0.20 -28.09 48.65
N ALA C 150 -1.18 -27.61 47.87
CA ALA C 150 -2.58 -27.87 48.16
C ALA C 150 -2.94 -29.23 47.57
N VAL C 151 -3.47 -30.12 48.39
CA VAL C 151 -3.86 -31.45 47.92
C VAL C 151 -5.35 -31.70 48.00
N CYS C 152 -5.98 -31.86 46.85
CA CYS C 152 -7.42 -32.11 46.82
C CYS C 152 -7.73 -33.58 46.59
N VAL C 153 -8.86 -34.02 47.08
CA VAL C 153 -9.26 -35.40 46.91
C VAL C 153 -10.72 -35.40 46.55
N LEU C 154 -11.00 -35.14 45.28
CA LEU C 154 -12.38 -35.14 44.80
C LEU C 154 -12.93 -36.55 44.87
N LYS C 155 -13.82 -36.79 45.83
CA LYS C 155 -14.45 -38.09 46.00
C LYS C 155 -15.72 -38.15 45.16
N PRO C 156 -16.25 -39.37 44.92
CA PRO C 156 -17.47 -39.52 44.13
C PRO C 156 -18.67 -38.80 44.74
N GLY C 157 -19.41 -38.12 43.87
CA GLY C 157 -20.58 -37.37 44.28
C GLY C 157 -20.38 -35.96 43.78
N PHE C 158 -19.11 -35.62 43.58
CA PHE C 158 -18.74 -34.30 43.13
C PHE C 158 -19.62 -33.83 41.96
N GLU C 159 -19.77 -34.69 40.96
CA GLU C 159 -20.56 -34.38 39.78
C GLU C 159 -21.93 -33.82 40.12
N ASN C 160 -22.58 -34.45 41.11
CA ASN C 160 -23.91 -34.06 41.56
C ASN C 160 -24.08 -32.54 41.67
N GLY C 161 -25.20 -32.06 41.13
CA GLY C 161 -25.48 -30.64 41.15
C GLY C 161 -24.41 -29.92 40.35
N SER C 162 -24.56 -28.60 40.21
CA SER C 162 -23.57 -27.82 39.48
C SER C 162 -22.48 -27.45 40.48
N ASN C 163 -21.73 -26.39 40.19
CA ASN C 163 -20.68 -25.96 41.10
C ASN C 163 -19.55 -26.97 41.29
N GLN C 164 -18.86 -27.31 40.20
CA GLN C 164 -17.73 -28.23 40.28
C GLN C 164 -16.46 -27.38 40.47
N VAL C 165 -16.57 -26.10 40.13
CA VAL C 165 -15.46 -25.16 40.27
C VAL C 165 -14.98 -25.05 41.70
N LEU C 166 -13.68 -24.99 41.88
CA LEU C 166 -13.13 -24.84 43.23
C LEU C 166 -12.44 -23.50 43.41
N SER C 167 -12.56 -22.95 44.60
CA SER C 167 -11.95 -21.66 44.94
C SER C 167 -11.17 -21.76 46.24
N PHE C 168 -9.90 -21.36 46.17
CA PHE C 168 -9.04 -21.38 47.35
C PHE C 168 -8.72 -19.94 47.76
N GLU C 169 -9.16 -19.57 48.96
CA GLU C 169 -8.87 -18.24 49.50
C GLU C 169 -7.55 -18.44 50.26
N TYR C 170 -6.52 -17.67 49.94
CA TYR C 170 -5.24 -17.86 50.63
C TYR C 170 -4.44 -16.58 50.91
N ASN C 171 -3.51 -16.72 51.87
CA ASN C 171 -2.62 -15.66 52.34
C ASN C 171 -1.20 -15.74 51.76
N PRO C 172 -0.99 -15.18 50.56
CA PRO C 172 0.27 -15.12 49.80
C PRO C 172 1.50 -14.86 50.66
N ILE C 173 2.56 -15.65 50.48
CA ILE C 173 3.78 -15.43 51.23
C ILE C 173 4.92 -14.86 50.38
N GLY C 174 5.48 -13.74 50.85
CA GLY C 174 6.57 -13.09 50.15
C GLY C 174 6.15 -12.25 48.96
N ASN C 175 4.85 -12.03 48.81
CA ASN C 175 4.33 -11.24 47.69
C ASN C 175 4.53 -12.00 46.39
N LYS C 176 4.57 -13.33 46.52
CA LYS C 176 4.76 -14.22 45.40
C LYS C 176 3.42 -14.84 45.02
N VAL C 177 3.25 -15.08 43.72
CA VAL C 177 2.04 -15.70 43.17
C VAL C 177 2.51 -16.82 42.27
N ILE C 178 1.97 -18.01 42.44
CA ILE C 178 2.37 -19.15 41.63
C ILE C 178 1.25 -19.67 40.73
N VAL C 179 1.10 -19.12 39.52
CA VAL C 179 0.03 -19.63 38.65
C VAL C 179 0.43 -21.07 38.33
N PRO C 180 -0.36 -22.04 38.80
CA PRO C 180 -0.17 -23.48 38.64
C PRO C 180 -0.27 -24.19 37.27
N PHE C 181 0.80 -24.09 36.47
CA PHE C 181 0.86 -24.73 35.14
C PHE C 181 1.58 -26.09 35.17
N ALA C 182 2.45 -26.27 36.16
CA ALA C 182 3.23 -27.51 36.32
C ALA C 182 2.44 -28.80 36.10
N HIS C 183 2.97 -29.66 35.25
CA HIS C 183 2.36 -30.94 34.91
C HIS C 183 2.94 -32.11 35.74
N GLU C 184 2.59 -33.33 35.32
CA GLU C 184 3.04 -34.56 35.97
C GLU C 184 4.13 -35.30 35.18
N ILE C 185 5.38 -34.91 35.42
CA ILE C 185 6.56 -35.52 34.79
C ILE C 185 6.22 -36.80 34.04
N ASN C 186 6.44 -36.81 32.72
CA ASN C 186 6.19 -38.01 31.93
C ASN C 186 7.45 -38.47 31.21
N ASP C 187 7.49 -39.76 30.92
CA ASP C 187 8.63 -40.37 30.23
C ASP C 187 8.92 -39.66 28.91
N THR C 188 7.91 -39.55 28.06
CA THR C 188 8.03 -38.92 26.76
C THR C 188 8.99 -37.74 26.69
N GLY C 189 8.90 -36.82 27.66
CA GLY C 189 9.77 -35.66 27.68
C GLY C 189 9.15 -34.35 27.22
N LEU C 190 7.94 -34.43 26.65
CA LEU C 190 7.20 -33.26 26.18
C LEU C 190 5.85 -33.11 26.87
N TYR C 191 5.34 -31.88 26.88
CA TYR C 191 4.04 -31.61 27.50
C TYR C 191 3.19 -30.68 26.64
N GLU C 192 1.93 -31.08 26.44
CA GLU C 192 0.98 -30.32 25.63
C GLU C 192 0.14 -29.45 26.53
N TYR C 193 0.19 -28.15 26.28
CA TYR C 193 -0.54 -27.21 27.09
C TYR C 193 -1.89 -26.76 26.56
N ASP C 194 -2.89 -26.79 27.43
CA ASP C 194 -4.25 -26.34 27.09
C ASP C 194 -4.76 -25.69 28.37
N VAL C 195 -4.80 -24.36 28.38
CA VAL C 195 -5.23 -23.67 29.57
C VAL C 195 -5.32 -22.16 29.40
N VAL C 196 -6.18 -21.54 30.21
CA VAL C 196 -6.37 -20.11 30.21
C VAL C 196 -6.29 -19.66 31.67
N ALA C 197 -5.52 -18.61 31.94
CA ALA C 197 -5.42 -18.14 33.30
C ALA C 197 -5.73 -16.65 33.31
N TYR C 198 -6.18 -16.18 34.47
CA TYR C 198 -6.53 -14.79 34.69
C TYR C 198 -6.06 -14.34 36.08
N VAL C 199 -4.83 -13.81 36.14
CA VAL C 199 -4.25 -13.32 37.39
C VAL C 199 -4.11 -11.81 37.29
N ASP C 200 -4.48 -11.13 38.37
CA ASP C 200 -4.36 -9.67 38.41
C ASP C 200 -3.52 -9.31 39.64
N SER C 201 -3.19 -8.03 39.79
CA SER C 201 -2.39 -7.59 40.94
C SER C 201 -1.02 -8.20 40.84
N VAL C 202 -0.52 -8.35 39.62
CA VAL C 202 0.81 -8.93 39.46
C VAL C 202 1.63 -8.10 38.47
N GLN C 203 2.92 -7.97 38.75
CA GLN C 203 3.79 -7.19 37.89
C GLN C 203 4.41 -8.03 36.79
N PHE C 204 4.41 -7.44 35.59
CA PHE C 204 4.94 -8.08 34.39
C PHE C 204 6.36 -8.60 34.58
N ASP C 205 6.74 -9.55 33.74
CA ASP C 205 8.06 -10.16 33.81
C ASP C 205 8.41 -10.88 32.50
N GLY C 206 8.65 -10.08 31.45
CA GLY C 206 8.99 -10.61 30.13
C GLY C 206 10.11 -11.65 30.11
N GLU C 207 11.11 -11.45 30.96
CA GLU C 207 12.25 -12.35 31.06
C GLU C 207 11.78 -13.81 31.05
N GLN C 208 10.83 -14.10 31.93
CA GLN C 208 10.28 -15.44 32.08
C GLN C 208 9.18 -15.76 31.10
N PHE C 209 8.50 -14.74 30.59
CA PHE C 209 7.44 -14.96 29.64
C PHE C 209 8.04 -15.30 28.28
N GLU C 210 9.11 -14.60 27.92
CA GLU C 210 9.79 -14.83 26.66
C GLU C 210 10.37 -16.23 26.65
N GLU C 211 10.81 -16.72 27.80
CA GLU C 211 11.36 -18.07 27.90
C GLU C 211 10.29 -19.09 27.53
N PHE C 212 9.16 -18.99 28.21
CA PHE C 212 8.04 -19.89 28.00
C PHE C 212 7.44 -19.85 26.60
N VAL C 213 7.09 -18.67 26.14
CA VAL C 213 6.49 -18.55 24.81
C VAL C 213 7.49 -19.02 23.74
N GLN C 214 8.77 -18.74 23.97
CA GLN C 214 9.81 -19.12 23.01
C GLN C 214 9.77 -20.62 22.76
N SER C 215 9.64 -21.42 23.82
CA SER C 215 9.62 -22.87 23.67
C SER C 215 8.24 -23.45 23.32
N LEU C 216 7.40 -22.68 22.64
CA LEU C 216 6.07 -23.18 22.30
C LEU C 216 5.92 -23.67 20.88
N ILE C 217 5.40 -24.88 20.76
CA ILE C 217 5.19 -25.53 19.47
C ILE C 217 3.72 -25.44 19.11
N LEU C 218 3.40 -24.53 18.18
CA LEU C 218 2.01 -24.31 17.75
C LEU C 218 1.37 -25.45 16.93
N PRO C 219 0.03 -25.51 16.91
CA PRO C 219 -0.76 -26.50 16.18
C PRO C 219 -0.64 -26.20 14.69
N SER C 220 -0.74 -27.24 13.85
CA SER C 220 -0.60 -27.03 12.40
C SER C 220 -1.90 -26.79 11.64
N SER C 221 -1.83 -25.93 10.63
CA SER C 221 -2.99 -25.60 9.81
C SER C 221 -2.96 -26.37 8.49
N PHE C 222 -2.04 -27.33 8.40
CA PHE C 222 -1.88 -28.16 7.21
C PHE C 222 -1.68 -27.30 5.96
N LYS C 223 -0.58 -26.56 5.95
CA LYS C 223 -0.25 -25.70 4.82
C LYS C 223 1.24 -25.43 4.76
N ASN C 224 1.89 -25.95 3.72
CA ASN C 224 3.31 -25.78 3.53
C ASN C 224 3.77 -24.33 3.78
N SER C 225 3.00 -23.38 3.26
CA SER C 225 3.34 -21.98 3.41
C SER C 225 3.26 -21.44 4.83
N GLU C 226 2.79 -22.28 5.75
CA GLU C 226 2.64 -21.85 7.14
C GLU C 226 3.98 -21.56 7.83
N LYS C 227 4.04 -20.40 8.47
CA LYS C 227 5.22 -19.98 9.19
C LYS C 227 4.80 -19.56 10.60
N VAL C 228 5.67 -19.75 11.58
CA VAL C 228 5.34 -19.39 12.95
C VAL C 228 6.21 -18.29 13.50
N LEU C 229 5.74 -17.06 13.43
CA LEU C 229 6.50 -15.92 13.94
C LEU C 229 6.22 -15.69 15.43
N TYR C 230 7.23 -15.14 16.13
CA TYR C 230 7.11 -14.83 17.55
C TYR C 230 7.02 -13.32 17.76
N TYR C 231 6.21 -12.92 18.74
CA TYR C 231 6.00 -11.51 19.03
C TYR C 231 6.40 -11.00 20.41
N ASN C 232 6.74 -9.72 20.43
CA ASN C 232 7.13 -9.01 21.63
C ASN C 232 6.78 -7.55 21.41
N GLU C 233 5.48 -7.25 21.45
CA GLU C 233 4.98 -5.90 21.24
C GLU C 233 4.76 -5.16 22.56
N ALA C 234 4.94 -3.84 22.54
CA ALA C 234 4.78 -3.02 23.75
C ALA C 234 3.76 -1.90 23.54
N SER C 235 2.49 -2.27 23.49
CA SER C 235 1.38 -1.34 23.29
C SER C 235 1.29 -0.18 24.28
N LYS C 236 0.29 0.66 24.04
CA LYS C 236 0.00 1.81 24.88
C LYS C 236 -0.18 1.34 26.32
N ASN C 237 -1.23 0.55 26.55
CA ASN C 237 -1.52 0.02 27.87
C ASN C 237 -1.29 -1.48 27.94
N LYS C 238 -0.60 -2.01 26.93
CA LYS C 238 -0.31 -3.44 26.88
C LYS C 238 1.10 -3.82 26.49
N SER C 239 1.37 -5.11 26.63
CA SER C 239 2.65 -5.73 26.29
C SER C 239 2.35 -7.19 26.01
N MET C 240 2.57 -7.60 24.75
CA MET C 240 2.29 -8.96 24.38
C MET C 240 3.52 -9.78 24.00
N ILE C 241 3.59 -11.00 24.50
CA ILE C 241 4.68 -11.91 24.21
C ILE C 241 3.94 -13.19 23.84
N TYR C 242 3.88 -13.47 22.54
CA TYR C 242 3.15 -14.63 22.05
C TYR C 242 3.64 -15.14 20.70
N LYS C 243 3.13 -16.29 20.30
CA LYS C 243 3.46 -16.89 19.02
C LYS C 243 2.17 -17.13 18.23
N ALA C 244 2.21 -16.79 16.95
CA ALA C 244 1.07 -16.97 16.06
C ALA C 244 1.51 -17.79 14.85
N LEU C 245 0.54 -18.35 14.14
CA LEU C 245 0.79 -19.16 12.95
C LEU C 245 0.17 -18.48 11.73
N GLU C 246 1.03 -17.83 10.94
CA GLU C 246 0.59 -17.08 9.78
C GLU C 246 0.76 -17.73 8.41
N PHE C 247 -0.11 -17.31 7.49
CA PHE C 247 -0.09 -17.78 6.11
C PHE C 247 -1.07 -16.95 5.28
N THR C 248 -0.63 -16.55 4.09
CA THR C 248 -1.48 -15.76 3.21
C THR C 248 -2.40 -16.67 2.41
N THR C 249 -3.55 -16.15 1.99
CA THR C 249 -4.52 -16.92 1.21
C THR C 249 -5.01 -16.06 0.05
N GLU C 250 -5.61 -16.71 -0.95
CA GLU C 250 -6.12 -16.00 -2.12
C GLU C 250 -7.65 -15.89 -2.09
N SER C 251 -8.18 -14.99 -2.92
CA SER C 251 -9.62 -14.78 -3.00
C SER C 251 -10.35 -16.05 -3.47
N SER C 252 -11.67 -16.03 -3.34
CA SER C 252 -12.49 -17.17 -3.74
C SER C 252 -13.19 -16.90 -5.06
N TRP C 253 -13.04 -15.68 -5.58
CA TRP C 253 -13.68 -15.33 -6.83
C TRP C 253 -12.89 -14.33 -7.67
N GLY C 254 -13.44 -13.12 -7.81
CA GLY C 254 -12.80 -12.09 -8.61
C GLY C 254 -11.38 -11.69 -8.28
N LYS C 255 -11.21 -10.40 -7.98
CA LYS C 255 -9.92 -9.81 -7.64
C LYS C 255 -8.93 -10.77 -6.99
N SER C 256 -7.65 -10.58 -7.31
CA SER C 256 -6.60 -11.41 -6.74
C SER C 256 -6.15 -10.77 -5.43
N GLU C 257 -7.07 -10.69 -4.48
CA GLU C 257 -6.78 -10.11 -3.18
C GLU C 257 -6.36 -11.21 -2.20
N LYS C 258 -5.18 -11.04 -1.61
CA LYS C 258 -4.63 -12.00 -0.66
C LYS C 258 -5.03 -11.64 0.76
N TYR C 259 -5.03 -12.63 1.64
CA TYR C 259 -5.42 -12.42 3.03
C TYR C 259 -4.39 -13.04 3.98
N ASN C 260 -3.78 -12.19 4.81
CA ASN C 260 -2.76 -12.62 5.77
C ASN C 260 -3.36 -13.05 7.08
N TRP C 261 -3.51 -14.36 7.25
CA TRP C 261 -4.07 -14.92 8.47
C TRP C 261 -3.09 -14.74 9.62
N LYS C 262 -3.54 -15.18 10.78
CA LYS C 262 -2.77 -15.15 12.02
C LYS C 262 -3.68 -15.94 12.96
N ILE C 263 -3.26 -17.16 13.28
CA ILE C 263 -4.07 -18.02 14.12
C ILE C 263 -3.28 -18.77 15.19
N PHE C 264 -4.02 -19.43 16.09
CA PHE C 264 -3.43 -20.19 17.19
C PHE C 264 -2.46 -19.35 18.05
N CYS C 265 -2.77 -18.06 18.25
CA CYS C 265 -1.92 -17.20 19.05
C CYS C 265 -1.88 -17.67 20.50
N ASN C 266 -0.69 -18.02 20.99
CA ASN C 266 -0.57 -18.46 22.38
C ASN C 266 0.52 -17.68 23.07
N GLY C 267 0.32 -17.40 24.36
CA GLY C 267 1.31 -16.63 25.10
C GLY C 267 0.77 -15.84 26.28
N PHE C 268 1.33 -14.65 26.51
CA PHE C 268 0.90 -13.80 27.62
C PHE C 268 0.55 -12.38 27.21
N ILE C 269 -0.59 -11.87 27.69
CA ILE C 269 -0.98 -10.51 27.37
C ILE C 269 -1.10 -9.78 28.71
N TYR C 270 -0.42 -8.64 28.82
CA TYR C 270 -0.40 -7.86 30.07
C TYR C 270 -0.98 -6.47 29.90
N ASP C 271 -1.78 -6.04 30.88
CA ASP C 271 -2.40 -4.71 30.85
C ASP C 271 -1.61 -3.76 31.73
N LYS C 272 -0.70 -2.99 31.13
CA LYS C 272 0.13 -2.06 31.88
C LYS C 272 -0.60 -1.25 32.96
N LYS C 273 -1.79 -0.75 32.64
CA LYS C 273 -2.60 0.04 33.57
C LYS C 273 -3.34 -0.85 34.58
N SER C 274 -4.19 -1.73 34.07
CA SER C 274 -4.98 -2.64 34.88
C SER C 274 -4.16 -3.59 35.76
N LYS C 275 -2.89 -3.78 35.42
CA LYS C 275 -2.01 -4.67 36.19
C LYS C 275 -2.57 -6.10 36.20
N VAL C 276 -3.08 -6.53 35.05
CA VAL C 276 -3.65 -7.87 34.90
C VAL C 276 -2.86 -8.67 33.87
N LEU C 277 -2.85 -9.98 34.05
CA LEU C 277 -2.14 -10.87 33.16
C LEU C 277 -3.11 -11.90 32.58
N TYR C 278 -3.23 -11.92 31.26
CA TYR C 278 -4.12 -12.86 30.57
C TYR C 278 -3.26 -13.89 29.83
N VAL C 279 -3.32 -15.15 30.27
CA VAL C 279 -2.54 -16.21 29.65
C VAL C 279 -3.34 -17.19 28.81
N LYS C 280 -2.78 -17.51 27.64
CA LYS C 280 -3.40 -18.45 26.70
C LYS C 280 -2.38 -19.42 26.07
N LEU C 281 -2.50 -20.70 26.44
CA LEU C 281 -1.63 -21.72 25.91
C LEU C 281 -2.60 -22.84 25.57
N HIS C 282 -3.24 -22.69 24.41
CA HIS C 282 -4.25 -23.63 23.93
C HIS C 282 -3.76 -24.62 22.88
N ASN C 283 -3.46 -25.83 23.35
CA ASN C 283 -3.01 -26.91 22.51
C ASN C 283 -1.63 -26.79 21.89
N VAL C 284 -0.69 -26.24 22.66
CA VAL C 284 0.69 -26.08 22.23
C VAL C 284 1.55 -27.09 22.97
N THR C 285 2.78 -27.26 22.50
CA THR C 285 3.67 -28.21 23.14
C THR C 285 5.00 -27.56 23.45
N SER C 286 5.53 -27.94 24.59
CA SER C 286 6.81 -27.42 25.05
C SER C 286 7.41 -28.48 25.93
N ALA C 287 8.73 -28.58 25.94
CA ALA C 287 9.40 -29.54 26.81
C ALA C 287 9.61 -28.87 28.19
N LEU C 288 9.11 -27.64 28.30
CA LEU C 288 9.18 -26.88 29.54
C LEU C 288 7.96 -27.22 30.35
N ASN C 289 8.17 -27.72 31.57
CA ASN C 289 7.07 -28.06 32.47
C ASN C 289 7.27 -27.37 33.82
N LYS C 290 6.89 -26.10 33.92
CA LYS C 290 7.04 -25.39 35.19
C LYS C 290 5.84 -24.48 35.51
N ASN C 291 5.78 -23.99 36.74
CA ASN C 291 4.72 -23.08 37.16
C ASN C 291 5.22 -21.70 36.78
N VAL C 292 4.35 -20.71 36.81
CA VAL C 292 4.76 -19.34 36.52
C VAL C 292 4.78 -18.64 37.87
N ILE C 293 5.86 -17.94 38.18
CA ILE C 293 5.94 -17.22 39.45
C ILE C 293 5.94 -15.72 39.19
N LEU C 294 5.07 -14.99 39.89
CA LEU C 294 4.99 -13.55 39.73
C LEU C 294 5.04 -12.86 41.08
N ASN C 295 5.25 -11.55 41.05
CA ASN C 295 5.31 -10.75 42.27
C ASN C 295 4.02 -9.97 42.40
N THR C 296 3.47 -9.91 43.60
CA THR C 296 2.25 -9.14 43.79
C THR C 296 2.74 -7.72 43.89
N ILE C 297 1.97 -6.77 43.36
CA ILE C 297 2.38 -5.37 43.41
C ILE C 297 2.81 -5.00 44.83
N LYS C 298 4.13 -4.82 44.99
CA LYS C 298 4.71 -4.46 46.28
C LYS C 298 4.33 -3.05 46.73
N LEU D 1 -47.20 -14.40 -28.79
CA LEU D 1 -46.15 -13.35 -28.98
C LEU D 1 -45.04 -13.44 -27.92
N ASP D 2 -45.16 -12.65 -26.86
CA ASP D 2 -44.17 -12.64 -25.78
C ASP D 2 -44.65 -11.83 -24.56
N LYS D 3 -43.76 -11.69 -23.59
CA LYS D 3 -44.04 -10.95 -22.37
C LYS D 3 -42.74 -10.65 -21.61
N VAL D 4 -42.66 -9.46 -21.03
CA VAL D 4 -41.48 -9.04 -20.27
C VAL D 4 -41.87 -7.85 -19.37
N TYR D 5 -41.46 -7.91 -18.11
CA TYR D 5 -41.77 -6.84 -17.17
C TYR D 5 -41.21 -5.50 -17.62
N GLN D 6 -41.94 -4.43 -17.33
CA GLN D 6 -41.52 -3.08 -17.69
C GLN D 6 -40.47 -2.56 -16.72
N MET D 7 -39.50 -1.81 -17.25
CA MET D 7 -38.43 -1.24 -16.43
C MET D 7 -37.76 -0.09 -17.18
N LYS D 8 -38.56 0.68 -17.91
CA LYS D 8 -38.06 1.82 -18.65
C LYS D 8 -37.73 2.95 -17.68
N SER D 9 -38.63 3.16 -16.73
CA SER D 9 -38.46 4.20 -15.72
C SER D 9 -37.00 4.38 -15.37
N LYS D 10 -36.47 5.57 -15.65
CA LYS D 10 -35.08 5.88 -15.34
C LYS D 10 -34.88 5.44 -13.90
N PRO D 11 -35.63 6.03 -12.95
CA PRO D 11 -35.45 5.60 -11.56
C PRO D 11 -36.20 4.28 -11.38
N ARG D 12 -35.54 3.19 -11.74
CA ARG D 12 -36.12 1.85 -11.64
C ARG D 12 -36.93 1.67 -10.36
N GLY D 13 -36.25 1.31 -9.28
CA GLY D 13 -36.94 1.12 -8.01
C GLY D 13 -36.03 1.24 -6.80
N TYR D 14 -36.65 1.30 -5.62
CA TYR D 14 -35.92 1.39 -4.36
C TYR D 14 -35.34 0.04 -3.97
N CYS D 15 -34.24 0.06 -3.22
CA CYS D 15 -33.57 -1.17 -2.76
C CYS D 15 -33.31 -1.12 -1.26
N LEU D 16 -34.35 -1.31 -0.45
CA LEU D 16 -34.15 -1.28 1.00
C LEU D 16 -33.14 -2.30 1.54
N ILE D 17 -31.87 -1.94 1.56
CA ILE D 17 -30.87 -2.87 2.06
C ILE D 17 -30.90 -2.84 3.59
N ILE D 18 -31.36 -3.94 4.17
CA ILE D 18 -31.44 -4.07 5.62
C ILE D 18 -30.22 -4.86 6.08
N ASN D 19 -29.19 -4.13 6.49
CA ASN D 19 -27.95 -4.73 6.95
C ASN D 19 -27.80 -4.69 8.46
N ASN D 20 -27.84 -5.88 9.07
CA ASN D 20 -27.70 -5.98 10.51
C ASN D 20 -26.26 -6.35 10.78
N HIS D 21 -25.63 -5.68 11.75
CA HIS D 21 -24.24 -5.95 12.10
C HIS D 21 -24.11 -6.27 13.58
N ASN D 22 -24.63 -5.39 14.43
CA ASN D 22 -24.55 -5.59 15.88
C ASN D 22 -25.75 -6.26 16.51
N PHE D 23 -25.51 -7.41 17.15
CA PHE D 23 -26.56 -8.16 17.81
C PHE D 23 -26.25 -8.20 19.31
N ALA D 24 -25.82 -7.07 19.85
CA ALA D 24 -25.50 -6.97 21.26
C ALA D 24 -26.77 -7.04 22.10
N LYS D 25 -27.68 -6.10 21.82
CA LYS D 25 -28.96 -6.03 22.52
C LYS D 25 -29.50 -7.44 22.79
N ALA D 26 -29.42 -8.30 21.77
CA ALA D 26 -29.91 -9.67 21.87
C ALA D 26 -29.07 -10.55 22.78
N ARG D 27 -27.75 -10.44 22.68
CA ARG D 27 -26.86 -11.25 23.51
C ARG D 27 -27.15 -11.03 25.00
N GLU D 28 -27.90 -9.97 25.29
CA GLU D 28 -28.26 -9.65 26.65
C GLU D 28 -29.67 -10.20 26.91
N LYS D 29 -30.69 -9.50 26.41
CA LYS D 29 -32.08 -9.91 26.59
C LYS D 29 -32.29 -11.40 26.29
N VAL D 30 -32.69 -11.71 25.06
CA VAL D 30 -32.92 -13.11 24.67
C VAL D 30 -31.78 -14.00 25.17
N PRO D 31 -32.06 -14.87 26.15
CA PRO D 31 -31.07 -15.78 26.70
C PRO D 31 -30.42 -16.67 25.64
N LYS D 32 -31.24 -17.51 25.02
CA LYS D 32 -30.78 -18.43 23.99
C LYS D 32 -29.80 -17.78 23.00
N LEU D 33 -30.03 -16.50 22.73
CA LEU D 33 -29.19 -15.74 21.80
C LEU D 33 -28.10 -14.95 22.54
N HIS D 34 -27.42 -15.62 23.47
CA HIS D 34 -26.34 -14.99 24.22
C HIS D 34 -25.03 -15.42 23.58
N SER D 35 -25.01 -16.65 23.09
CA SER D 35 -23.81 -17.18 22.44
C SER D 35 -23.83 -16.91 20.94
N ILE D 36 -24.30 -15.72 20.57
CA ILE D 36 -24.35 -15.30 19.18
C ILE D 36 -23.29 -14.21 19.00
N ARG D 37 -22.63 -14.21 17.86
CA ARG D 37 -21.61 -13.21 17.58
C ARG D 37 -22.19 -12.19 16.62
N ASP D 38 -21.41 -11.18 16.27
CA ASP D 38 -21.88 -10.16 15.35
C ASP D 38 -21.63 -10.64 13.93
N ARG D 39 -22.41 -10.13 12.99
CA ARG D 39 -22.24 -10.54 11.59
C ARG D 39 -21.19 -9.67 10.89
N ASN D 40 -19.93 -10.00 11.14
CA ASN D 40 -18.81 -9.28 10.56
C ASN D 40 -18.64 -9.56 9.08
N GLY D 41 -18.57 -8.49 8.28
CA GLY D 41 -18.40 -8.69 6.87
C GLY D 41 -19.64 -8.31 6.09
N THR D 42 -20.81 -8.30 6.73
CA THR D 42 -22.04 -7.95 6.02
C THR D 42 -21.84 -6.67 5.19
N HIS D 43 -21.00 -5.78 5.70
CA HIS D 43 -20.71 -4.52 5.03
C HIS D 43 -20.19 -4.71 3.60
N LEU D 44 -19.51 -5.82 3.35
CA LEU D 44 -18.98 -6.11 2.03
C LEU D 44 -20.14 -6.45 1.09
N ASP D 45 -21.20 -7.00 1.68
CA ASP D 45 -22.39 -7.40 0.96
C ASP D 45 -23.33 -6.20 0.79
N ALA D 46 -23.39 -5.35 1.81
CA ALA D 46 -24.23 -4.16 1.72
C ALA D 46 -23.61 -3.27 0.64
N GLY D 47 -22.28 -3.23 0.64
CA GLY D 47 -21.55 -2.42 -0.34
C GLY D 47 -21.40 -3.16 -1.65
N ALA D 48 -21.85 -4.40 -1.68
CA ALA D 48 -21.79 -5.22 -2.90
C ALA D 48 -23.12 -5.09 -3.64
N LEU D 49 -24.21 -5.11 -2.88
CA LEU D 49 -25.56 -5.00 -3.44
C LEU D 49 -25.83 -3.56 -3.88
N THR D 50 -25.24 -2.60 -3.18
CA THR D 50 -25.43 -1.19 -3.53
C THR D 50 -24.85 -0.95 -4.91
N THR D 51 -23.62 -1.43 -5.13
CA THR D 51 -22.92 -1.28 -6.39
C THR D 51 -23.66 -1.94 -7.55
N THR D 52 -24.05 -3.19 -7.38
CA THR D 52 -24.77 -3.92 -8.43
C THR D 52 -26.07 -3.18 -8.77
N PHE D 53 -26.86 -2.91 -7.73
CA PHE D 53 -28.14 -2.23 -7.90
C PHE D 53 -27.99 -0.76 -8.30
N GLU D 54 -26.75 -0.33 -8.52
CA GLU D 54 -26.53 1.05 -8.92
C GLU D 54 -26.45 1.09 -10.44
N GLU D 55 -25.67 0.18 -11.00
CA GLU D 55 -25.51 0.07 -12.45
C GLU D 55 -26.90 -0.11 -13.06
N LEU D 56 -27.68 -0.93 -12.38
CA LEU D 56 -29.02 -1.25 -12.82
C LEU D 56 -30.02 -0.14 -12.55
N HIS D 57 -29.52 1.10 -12.44
CA HIS D 57 -30.39 2.24 -12.22
C HIS D 57 -31.28 2.17 -10.98
N PHE D 58 -30.83 1.48 -9.93
CA PHE D 58 -31.66 1.42 -8.74
C PHE D 58 -31.21 2.43 -7.69
N GLU D 59 -32.18 3.24 -7.23
CA GLU D 59 -31.93 4.26 -6.23
C GLU D 59 -31.89 3.62 -4.84
N ILE D 60 -30.73 3.08 -4.50
CA ILE D 60 -30.50 2.41 -3.22
C ILE D 60 -31.02 3.21 -2.02
N LYS D 61 -31.43 2.50 -0.98
CA LYS D 61 -31.94 3.14 0.23
C LYS D 61 -31.52 2.36 1.47
N PRO D 62 -30.22 2.39 1.80
CA PRO D 62 -29.59 1.72 2.95
C PRO D 62 -30.19 2.01 4.32
N HIS D 63 -30.06 1.05 5.21
CA HIS D 63 -30.56 1.17 6.57
C HIS D 63 -29.64 0.40 7.51
N HIS D 64 -29.16 1.08 8.55
CA HIS D 64 -28.24 0.51 9.54
C HIS D 64 -28.71 -0.81 10.18
N ASP D 65 -28.29 -1.02 11.42
CA ASP D 65 -28.65 -2.21 12.18
C ASP D 65 -29.98 -1.97 12.88
N CYS D 66 -31.07 -2.35 12.23
CA CYS D 66 -32.39 -2.14 12.79
C CYS D 66 -32.96 -3.38 13.51
N THR D 67 -33.90 -3.13 14.42
CA THR D 67 -34.54 -4.19 15.17
C THR D 67 -35.89 -4.52 14.52
N VAL D 68 -36.44 -5.70 14.86
CA VAL D 68 -37.71 -6.12 14.30
C VAL D 68 -38.73 -4.99 14.20
N GLU D 69 -39.10 -4.40 15.33
CA GLU D 69 -40.06 -3.30 15.35
C GLU D 69 -39.71 -2.27 14.29
N GLN D 70 -38.46 -1.83 14.27
CA GLN D 70 -38.00 -0.82 13.32
C GLN D 70 -38.15 -1.33 11.89
N ILE D 71 -37.79 -2.58 11.66
CA ILE D 71 -37.87 -3.18 10.33
C ILE D 71 -39.32 -3.14 9.82
N TYR D 72 -40.26 -3.53 10.68
CA TYR D 72 -41.67 -3.53 10.32
C TYR D 72 -42.06 -2.16 9.77
N GLU D 73 -41.72 -1.12 10.53
CA GLU D 73 -42.05 0.25 10.12
C GLU D 73 -41.36 0.62 8.83
N ILE D 74 -40.05 0.37 8.75
CA ILE D 74 -39.29 0.70 7.55
C ILE D 74 -39.97 0.10 6.32
N LEU D 75 -40.68 -1.01 6.54
CA LEU D 75 -41.41 -1.70 5.48
C LEU D 75 -42.78 -1.06 5.34
N LYS D 76 -43.39 -0.75 6.48
CA LYS D 76 -44.70 -0.11 6.53
C LYS D 76 -44.64 1.26 5.87
N ILE D 77 -43.41 1.74 5.66
CA ILE D 77 -43.16 3.04 5.04
C ILE D 77 -43.22 2.97 3.52
N TYR D 78 -42.30 2.22 2.92
CA TYR D 78 -42.26 2.10 1.47
C TYR D 78 -43.46 1.32 0.93
N GLN D 79 -44.47 1.17 1.78
CA GLN D 79 -45.69 0.47 1.42
C GLN D 79 -46.79 1.49 1.08
N LEU D 80 -46.84 2.57 1.87
CA LEU D 80 -47.83 3.63 1.66
C LEU D 80 -47.36 4.60 0.59
N MET D 81 -46.15 4.37 0.09
CA MET D 81 -45.56 5.21 -0.94
C MET D 81 -46.11 4.85 -2.32
N ASP D 82 -45.93 5.77 -3.26
CA ASP D 82 -46.38 5.58 -4.63
C ASP D 82 -45.25 4.96 -5.46
N HIS D 83 -45.56 3.88 -6.17
CA HIS D 83 -44.57 3.17 -6.98
C HIS D 83 -44.86 3.19 -8.49
N SER D 84 -45.57 4.21 -8.94
CA SER D 84 -45.93 4.32 -10.36
C SER D 84 -44.76 4.59 -11.30
N ASN D 85 -43.99 5.64 -11.00
CA ASN D 85 -42.83 5.99 -11.83
C ASN D 85 -41.71 4.99 -11.61
N MET D 86 -42.06 3.84 -11.02
CA MET D 86 -41.11 2.78 -10.76
C MET D 86 -41.65 1.45 -11.29
N ASP D 87 -40.82 0.75 -12.05
CA ASP D 87 -41.19 -0.54 -12.64
C ASP D 87 -40.43 -1.71 -12.00
N CYS D 88 -40.39 -1.72 -10.67
CA CYS D 88 -39.71 -2.77 -9.92
C CYS D 88 -39.45 -2.30 -8.50
N PHE D 89 -39.54 -3.22 -7.54
CA PHE D 89 -39.26 -2.91 -6.14
C PHE D 89 -38.48 -4.04 -5.51
N ILE D 90 -37.31 -3.72 -4.95
CA ILE D 90 -36.49 -4.75 -4.32
C ILE D 90 -36.26 -4.47 -2.84
N CYS D 91 -36.10 -5.55 -2.08
CA CYS D 91 -35.88 -5.45 -0.65
C CYS D 91 -34.94 -6.59 -0.27
N CYS D 92 -33.88 -6.27 0.44
CA CYS D 92 -32.91 -7.27 0.86
C CYS D 92 -32.68 -7.24 2.37
N ILE D 93 -32.73 -8.42 2.98
CA ILE D 93 -32.54 -8.56 4.42
C ILE D 93 -31.26 -9.35 4.69
N LEU D 94 -30.46 -8.82 5.61
CA LEU D 94 -29.19 -9.43 5.97
C LEU D 94 -29.08 -9.51 7.49
N SER D 95 -29.17 -10.72 8.03
CA SER D 95 -29.05 -10.91 9.47
C SER D 95 -29.18 -12.38 9.86
N HIS D 96 -29.06 -12.65 11.16
CA HIS D 96 -29.18 -14.01 11.66
C HIS D 96 -30.60 -14.51 11.50
N GLY D 97 -30.80 -15.81 11.72
CA GLY D 97 -32.15 -16.34 11.58
C GLY D 97 -32.41 -17.73 12.13
N ASP D 98 -33.44 -18.36 11.56
CA ASP D 98 -33.87 -19.70 11.93
C ASP D 98 -35.08 -20.00 11.05
N LYS D 99 -35.63 -21.21 11.17
CA LYS D 99 -36.79 -21.62 10.38
C LYS D 99 -37.75 -20.49 10.05
N GLY D 100 -37.80 -20.17 8.76
CA GLY D 100 -38.68 -19.12 8.25
C GLY D 100 -38.71 -17.79 8.98
N ILE D 101 -37.64 -17.44 9.69
CA ILE D 101 -37.62 -16.18 10.42
C ILE D 101 -36.29 -15.46 10.32
N ILE D 102 -36.30 -14.16 10.64
CA ILE D 102 -35.09 -13.35 10.60
C ILE D 102 -34.97 -12.44 11.82
N TYR D 103 -34.11 -12.81 12.76
CA TYR D 103 -33.90 -12.02 13.96
C TYR D 103 -33.59 -10.58 13.60
N GLY D 104 -33.73 -9.70 14.58
CA GLY D 104 -33.43 -8.29 14.36
C GLY D 104 -32.38 -7.87 15.37
N THR D 105 -31.96 -6.62 15.31
CA THR D 105 -30.95 -6.13 16.24
C THR D 105 -31.34 -6.48 17.68
N ASP D 106 -32.63 -6.42 17.99
CA ASP D 106 -33.12 -6.71 19.34
C ASP D 106 -32.96 -8.15 19.83
N GLY D 107 -33.29 -9.13 19.00
CA GLY D 107 -33.15 -10.51 19.43
C GLY D 107 -34.37 -11.39 19.20
N GLN D 108 -35.47 -10.78 18.78
CA GLN D 108 -36.70 -11.52 18.51
C GLN D 108 -36.92 -11.70 17.02
N GLU D 109 -37.41 -12.87 16.63
CA GLU D 109 -37.66 -13.17 15.22
C GLU D 109 -38.65 -12.25 14.53
N ALA D 110 -38.99 -12.61 13.29
CA ALA D 110 -39.93 -11.84 12.47
C ALA D 110 -40.22 -12.63 11.20
N PRO D 111 -41.04 -13.70 11.30
CA PRO D 111 -41.43 -14.56 10.18
C PRO D 111 -41.50 -13.91 8.80
N ILE D 112 -40.74 -14.46 7.86
CA ILE D 112 -40.70 -13.94 6.49
C ILE D 112 -42.08 -13.68 5.92
N TYR D 113 -43.04 -14.49 6.34
CA TYR D 113 -44.42 -14.38 5.88
C TYR D 113 -44.91 -12.94 6.06
N GLU D 114 -44.86 -12.48 7.31
CA GLU D 114 -45.31 -11.15 7.68
C GLU D 114 -44.48 -9.99 7.13
N LEU D 115 -43.37 -10.32 6.46
CA LEU D 115 -42.51 -9.27 5.93
C LEU D 115 -42.56 -9.19 4.41
N THR D 116 -42.89 -10.30 3.77
CA THR D 116 -43.00 -10.35 2.32
C THR D 116 -44.46 -10.09 1.93
N SER D 117 -45.35 -10.28 2.88
CA SER D 117 -46.78 -10.08 2.65
C SER D 117 -47.18 -8.61 2.62
N GLN D 118 -46.42 -7.76 3.31
CA GLN D 118 -46.71 -6.34 3.35
C GLN D 118 -46.70 -5.64 2.00
N PHE D 119 -46.28 -6.34 0.95
CA PHE D 119 -46.24 -5.73 -0.38
C PHE D 119 -47.04 -6.49 -1.41
N THR D 120 -48.20 -6.96 -0.98
CA THR D 120 -49.14 -7.70 -1.81
C THR D 120 -49.74 -6.77 -2.86
N GLY D 121 -50.63 -7.30 -3.69
CA GLY D 121 -51.27 -6.47 -4.69
C GLY D 121 -52.12 -5.42 -4.00
N LEU D 122 -52.83 -5.84 -2.97
CA LEU D 122 -53.70 -4.94 -2.21
C LEU D 122 -52.94 -3.90 -1.38
N LYS D 123 -52.19 -4.36 -0.39
CA LYS D 123 -51.41 -3.50 0.50
C LYS D 123 -50.72 -2.34 -0.21
N CYS D 124 -50.10 -2.62 -1.35
CA CYS D 124 -49.41 -1.61 -2.12
C CYS D 124 -49.95 -1.55 -3.55
N PRO D 125 -51.12 -0.91 -3.74
CA PRO D 125 -51.80 -0.76 -5.03
C PRO D 125 -50.81 -0.37 -6.13
N SER D 126 -49.91 0.54 -5.76
CA SER D 126 -48.89 1.05 -6.65
C SER D 126 -47.92 -0.03 -7.12
N LEU D 127 -47.77 -1.08 -6.31
CA LEU D 127 -46.87 -2.18 -6.61
C LEU D 127 -47.49 -3.36 -7.37
N ALA D 128 -48.81 -3.39 -7.45
CA ALA D 128 -49.50 -4.47 -8.15
C ALA D 128 -49.18 -4.45 -9.66
N GLY D 129 -48.81 -5.61 -10.20
CA GLY D 129 -48.48 -5.71 -11.62
C GLY D 129 -46.98 -5.66 -11.86
N LYS D 130 -46.26 -5.03 -10.94
CA LYS D 130 -44.81 -4.87 -11.03
C LYS D 130 -44.08 -5.75 -10.00
N PRO D 131 -42.97 -6.39 -10.43
CA PRO D 131 -42.16 -7.28 -9.59
C PRO D 131 -41.64 -6.73 -8.27
N LYS D 132 -41.90 -7.46 -7.19
CA LYS D 132 -41.45 -7.10 -5.86
C LYS D 132 -40.48 -8.21 -5.41
N VAL D 133 -39.21 -8.08 -5.78
CA VAL D 133 -38.21 -9.09 -5.42
C VAL D 133 -37.72 -8.98 -3.98
N PHE D 134 -37.34 -10.14 -3.44
CA PHE D 134 -36.84 -10.26 -2.07
C PHE D 134 -35.64 -11.20 -1.93
N PHE D 135 -34.55 -10.69 -1.38
CA PHE D 135 -33.35 -11.48 -1.17
C PHE D 135 -33.12 -11.58 0.33
N ILE D 136 -33.13 -12.80 0.84
CA ILE D 136 -32.95 -12.99 2.27
C ILE D 136 -31.70 -13.79 2.64
N GLN D 137 -30.68 -13.05 3.07
CA GLN D 137 -29.42 -13.65 3.47
C GLN D 137 -29.44 -13.90 4.98
N ALA D 138 -29.83 -15.12 5.35
CA ALA D 138 -29.89 -15.54 6.75
C ALA D 138 -29.97 -17.06 6.89
N CYS D 139 -29.72 -17.54 8.11
CA CYS D 139 -29.78 -18.97 8.40
C CYS D 139 -31.24 -19.37 8.30
N GLN D 140 -31.52 -20.65 8.39
CA GLN D 140 -32.90 -21.18 8.34
C GLN D 140 -33.00 -22.43 9.20
N GLY D 141 -31.95 -22.67 9.97
CA GLY D 141 -31.90 -23.82 10.84
C GLY D 141 -30.46 -24.04 11.29
N ASP D 142 -30.29 -24.82 12.34
CA ASP D 142 -28.98 -25.12 12.88
C ASP D 142 -28.31 -26.21 12.05
N ASN D 143 -29.13 -27.01 11.38
CA ASN D 143 -28.65 -28.10 10.56
C ASN D 143 -27.60 -27.69 9.51
N TYR D 144 -26.77 -28.66 9.15
CA TYR D 144 -25.69 -28.51 8.17
C TYR D 144 -26.05 -29.40 6.98
N GLN D 145 -26.03 -28.85 5.77
CA GLN D 145 -26.36 -29.68 4.62
C GLN D 145 -25.16 -30.47 4.10
N LYS D 146 -25.35 -31.78 3.98
CA LYS D 146 -24.31 -32.69 3.50
C LYS D 146 -23.94 -32.40 2.04
N GLY D 147 -22.94 -33.12 1.53
CA GLY D 147 -22.50 -32.91 0.16
C GLY D 147 -22.23 -34.21 -0.56
N ILE D 148 -23.20 -34.67 -1.32
CA ILE D 148 -23.09 -35.91 -2.09
C ILE D 148 -22.25 -35.71 -3.35
N PRO D 149 -21.50 -36.76 -3.75
CA PRO D 149 -20.61 -36.84 -4.92
C PRO D 149 -21.33 -36.93 -6.25
N VAL D 150 -21.30 -35.85 -7.04
CA VAL D 150 -21.97 -35.82 -8.34
C VAL D 150 -21.22 -36.62 -9.40
N GLU D 151 -19.90 -36.48 -9.42
CA GLU D 151 -19.08 -37.19 -10.40
C GLU D 151 -19.36 -36.68 -11.82
N THR D 152 -19.54 -35.37 -11.96
CA THR D 152 -19.82 -34.78 -13.27
C THR D 152 -19.39 -33.32 -13.34
N ASP D 153 -20.04 -32.56 -14.22
CA ASP D 153 -19.77 -31.13 -14.42
C ASP D 153 -18.39 -30.85 -15.00
N THR D 169 -56.30 -3.52 -17.40
CA THR D 169 -57.74 -3.59 -17.76
C THR D 169 -58.50 -4.58 -16.88
N ARG D 170 -57.80 -5.62 -16.40
CA ARG D 170 -58.40 -6.66 -15.55
C ARG D 170 -57.84 -6.60 -14.12
N TYR D 171 -58.21 -7.59 -13.31
CA TYR D 171 -57.71 -7.66 -11.94
C TYR D 171 -56.98 -8.99 -11.75
N ILE D 172 -55.81 -8.93 -11.09
CA ILE D 172 -54.99 -10.12 -10.89
C ILE D 172 -54.95 -10.57 -9.43
N PRO D 173 -54.40 -11.78 -9.16
CA PRO D 173 -54.30 -12.34 -7.80
C PRO D 173 -53.53 -11.35 -6.91
N ASP D 174 -53.83 -11.33 -5.62
CA ASP D 174 -53.14 -10.38 -4.73
C ASP D 174 -51.70 -10.74 -4.38
N GLU D 175 -51.31 -11.99 -4.67
CA GLU D 175 -49.97 -12.47 -4.37
C GLU D 175 -49.23 -12.86 -5.64
N ALA D 176 -49.26 -11.98 -6.64
CA ALA D 176 -48.59 -12.26 -7.89
C ALA D 176 -47.35 -11.39 -8.02
N ASP D 177 -46.47 -11.76 -8.94
CA ASP D 177 -45.24 -11.01 -9.19
C ASP D 177 -44.39 -10.88 -7.93
N PHE D 178 -43.74 -11.98 -7.53
CA PHE D 178 -42.92 -11.99 -6.33
C PHE D 178 -41.72 -12.91 -6.48
N LEU D 179 -40.52 -12.36 -6.37
CA LEU D 179 -39.32 -13.16 -6.46
C LEU D 179 -38.74 -13.21 -5.05
N LEU D 180 -38.71 -14.39 -4.46
CA LEU D 180 -38.19 -14.56 -3.12
C LEU D 180 -36.87 -15.31 -3.13
N GLY D 181 -35.78 -14.55 -3.16
CA GLY D 181 -34.45 -15.14 -3.16
C GLY D 181 -34.02 -15.55 -1.77
N MET D 182 -33.78 -16.85 -1.59
CA MET D 182 -33.36 -17.39 -0.30
C MET D 182 -31.91 -17.83 -0.36
N ALA D 183 -31.12 -17.39 0.62
CA ALA D 183 -29.72 -17.74 0.65
C ALA D 183 -29.52 -19.25 0.81
N THR D 184 -30.49 -19.89 1.45
CA THR D 184 -30.43 -21.34 1.67
C THR D 184 -31.81 -21.96 1.74
N VAL D 185 -31.86 -23.29 1.69
CA VAL D 185 -33.15 -23.98 1.76
C VAL D 185 -33.59 -23.99 3.20
N ASN D 186 -34.76 -24.55 3.47
CA ASN D 186 -35.27 -24.57 4.82
C ASN D 186 -34.49 -25.53 5.72
N ASN D 187 -34.34 -25.13 6.98
CA ASN D 187 -33.65 -25.92 8.00
C ASN D 187 -32.12 -25.99 7.94
N CYS D 188 -31.53 -25.53 6.84
CA CYS D 188 -30.07 -25.56 6.69
C CYS D 188 -29.45 -24.18 6.91
N VAL D 189 -28.19 -24.17 7.35
CA VAL D 189 -27.49 -22.92 7.61
C VAL D 189 -26.97 -22.20 6.37
N SER D 190 -26.64 -20.92 6.56
CA SER D 190 -26.11 -20.09 5.49
C SER D 190 -24.66 -19.81 5.82
N TYR D 191 -23.89 -19.33 4.85
CA TYR D 191 -22.50 -19.06 5.11
C TYR D 191 -22.05 -17.63 4.78
N ARG D 192 -21.31 -17.04 5.71
CA ARG D 192 -20.78 -15.69 5.57
C ARG D 192 -19.28 -15.69 5.82
N ASN D 193 -18.53 -15.04 4.93
CA ASN D 193 -17.09 -14.97 5.08
C ASN D 193 -16.69 -13.57 5.55
N PRO D 194 -16.00 -13.49 6.69
CA PRO D 194 -15.58 -12.18 7.20
C PRO D 194 -14.77 -11.36 6.19
N ALA D 195 -13.82 -12.03 5.54
CA ALA D 195 -12.94 -11.40 4.57
C ALA D 195 -13.63 -11.01 3.25
N GLU D 196 -14.24 -12.00 2.61
CA GLU D 196 -14.89 -11.82 1.31
C GLU D 196 -16.36 -11.35 1.38
N GLY D 197 -17.19 -12.11 2.07
CA GLY D 197 -18.60 -11.77 2.19
C GLY D 197 -19.37 -13.06 2.27
N THR D 198 -20.70 -13.01 2.12
CA THR D 198 -21.48 -14.23 2.16
C THR D 198 -21.45 -14.86 0.78
N TRP D 199 -21.70 -16.15 0.70
CA TRP D 199 -21.68 -16.83 -0.58
C TRP D 199 -22.79 -16.32 -1.47
N TYR D 200 -24.03 -16.50 -1.02
CA TYR D 200 -25.20 -16.08 -1.79
C TYR D 200 -25.15 -14.65 -2.31
N ILE D 201 -25.14 -13.66 -1.42
CA ILE D 201 -25.12 -12.27 -1.86
C ILE D 201 -24.01 -11.96 -2.85
N GLN D 202 -22.83 -12.53 -2.63
CA GLN D 202 -21.71 -12.30 -3.54
C GLN D 202 -21.97 -12.96 -4.90
N SER D 203 -22.48 -14.19 -4.88
CA SER D 203 -22.78 -14.91 -6.12
C SER D 203 -23.89 -14.13 -6.84
N LEU D 204 -24.86 -13.69 -6.07
CA LEU D 204 -26.00 -12.93 -6.58
C LEU D 204 -25.55 -11.66 -7.28
N CYS D 205 -24.38 -11.15 -6.91
CA CYS D 205 -23.83 -9.93 -7.49
C CYS D 205 -22.85 -10.20 -8.62
N GLN D 206 -21.89 -11.09 -8.36
CA GLN D 206 -20.87 -11.45 -9.35
C GLN D 206 -21.54 -12.07 -10.58
N SER D 207 -22.75 -12.57 -10.40
CA SER D 207 -23.49 -13.18 -11.48
C SER D 207 -24.52 -12.21 -12.06
N LEU D 208 -25.05 -11.33 -11.21
CA LEU D 208 -26.03 -10.35 -11.66
C LEU D 208 -25.41 -9.16 -12.38
N ARG D 209 -24.40 -8.57 -11.74
CA ARG D 209 -23.72 -7.41 -12.31
C ARG D 209 -22.92 -7.83 -13.55
N GLU D 210 -22.91 -9.13 -13.82
CA GLU D 210 -22.21 -9.70 -14.96
C GLU D 210 -23.16 -10.12 -16.09
N ARG D 211 -24.27 -10.78 -15.76
CA ARG D 211 -25.23 -11.22 -16.76
C ARG D 211 -26.40 -10.25 -16.98
N CYS D 212 -26.28 -9.04 -16.45
CA CYS D 212 -27.32 -8.03 -16.63
C CYS D 212 -27.10 -7.30 -17.97
N PRO D 213 -25.84 -7.07 -18.35
CA PRO D 213 -25.58 -6.38 -19.61
C PRO D 213 -26.16 -7.19 -20.77
N ARG D 214 -25.89 -8.50 -20.75
CA ARG D 214 -26.35 -9.44 -21.78
C ARG D 214 -27.85 -9.71 -21.72
N GLY D 215 -28.58 -8.85 -21.02
CA GLY D 215 -30.03 -9.00 -20.90
C GLY D 215 -30.54 -10.40 -20.58
N ASP D 216 -30.28 -10.87 -19.36
CA ASP D 216 -30.73 -12.18 -18.91
C ASP D 216 -31.73 -12.02 -17.76
N ASP D 217 -32.82 -12.78 -17.81
CA ASP D 217 -33.85 -12.72 -16.78
C ASP D 217 -33.31 -13.18 -15.42
N ILE D 218 -33.71 -12.46 -14.37
CA ILE D 218 -33.29 -12.77 -13.01
C ILE D 218 -33.39 -14.26 -12.72
N LEU D 219 -34.40 -14.89 -13.32
CA LEU D 219 -34.65 -16.32 -13.15
C LEU D 219 -33.50 -17.11 -13.74
N THR D 220 -32.93 -16.61 -14.82
CA THR D 220 -31.82 -17.27 -15.49
C THR D 220 -30.56 -17.11 -14.63
N ILE D 221 -30.46 -15.96 -13.96
CA ILE D 221 -29.33 -15.62 -13.09
C ILE D 221 -29.24 -16.52 -11.86
N LEU D 222 -30.34 -16.57 -11.11
CA LEU D 222 -30.44 -17.37 -9.89
C LEU D 222 -30.09 -18.83 -10.11
N THR D 223 -30.34 -19.32 -11.33
CA THR D 223 -30.04 -20.70 -11.66
C THR D 223 -28.53 -20.92 -11.53
N GLU D 224 -27.76 -19.95 -12.04
CA GLU D 224 -26.32 -20.01 -11.99
C GLU D 224 -25.84 -19.87 -10.55
N VAL D 225 -26.43 -18.91 -9.83
CA VAL D 225 -26.08 -18.65 -8.44
C VAL D 225 -26.16 -19.97 -7.67
N ASN D 226 -27.25 -20.71 -7.92
CA ASN D 226 -27.48 -22.01 -7.28
C ASN D 226 -26.34 -22.97 -7.58
N TYR D 227 -25.69 -22.76 -8.73
CA TYR D 227 -24.56 -23.61 -9.12
C TYR D 227 -23.37 -23.21 -8.27
N GLU D 228 -23.03 -21.92 -8.29
CA GLU D 228 -21.90 -21.39 -7.52
C GLU D 228 -21.90 -22.01 -6.14
N VAL D 229 -22.80 -21.49 -5.32
CA VAL D 229 -22.98 -21.93 -3.95
C VAL D 229 -22.98 -23.46 -3.78
N SER D 230 -23.23 -24.19 -4.86
CA SER D 230 -23.23 -25.65 -4.82
C SER D 230 -21.82 -26.19 -4.69
N ASN D 231 -20.89 -25.55 -5.39
CA ASN D 231 -19.50 -25.96 -5.33
C ASN D 231 -18.81 -25.43 -4.09
N LYS D 232 -18.92 -24.11 -3.85
CA LYS D 232 -18.32 -23.51 -2.66
C LYS D 232 -18.49 -24.53 -1.54
N ASP D 233 -17.41 -24.82 -0.81
CA ASP D 233 -17.49 -25.79 0.25
C ASP D 233 -16.83 -25.32 1.54
N ASP D 234 -17.49 -25.60 2.66
CA ASP D 234 -16.96 -25.25 3.97
C ASP D 234 -15.89 -26.29 4.26
N LYS D 235 -14.66 -25.97 3.86
CA LYS D 235 -13.53 -26.85 4.05
C LYS D 235 -13.47 -27.46 5.45
N LYS D 236 -13.93 -26.69 6.42
CA LYS D 236 -13.94 -27.14 7.81
C LYS D 236 -14.90 -28.29 8.08
N ASN D 237 -16.14 -27.96 8.43
CA ASN D 237 -17.17 -28.94 8.77
C ASN D 237 -17.95 -29.52 7.58
N MET D 238 -17.23 -29.98 6.57
CA MET D 238 -17.83 -30.58 5.37
C MET D 238 -19.18 -29.96 4.98
N GLY D 239 -19.33 -28.67 5.24
CA GLY D 239 -20.58 -27.98 4.94
C GLY D 239 -20.85 -27.64 3.49
N LYS D 240 -22.13 -27.57 3.15
CA LYS D 240 -22.57 -27.26 1.79
C LYS D 240 -23.79 -26.34 1.84
N GLN D 241 -23.84 -25.35 0.95
CA GLN D 241 -24.97 -24.43 0.92
C GLN D 241 -25.73 -24.55 -0.38
N MET D 242 -27.05 -24.45 -0.31
CA MET D 242 -27.88 -24.53 -1.50
C MET D 242 -29.02 -23.52 -1.50
N PRO D 243 -28.87 -22.42 -2.26
CA PRO D 243 -29.91 -21.39 -2.32
C PRO D 243 -31.19 -22.05 -2.84
N GLN D 244 -32.26 -21.28 -2.92
CA GLN D 244 -33.52 -21.81 -3.37
C GLN D 244 -34.55 -20.71 -3.35
N PRO D 245 -34.79 -20.10 -4.52
CA PRO D 245 -35.74 -19.01 -4.74
C PRO D 245 -37.14 -19.51 -5.13
N THR D 246 -38.14 -18.72 -4.80
CA THR D 246 -39.53 -19.04 -5.11
C THR D 246 -40.14 -17.85 -5.83
N PHE D 247 -40.91 -18.10 -6.88
CA PHE D 247 -41.49 -17.00 -7.64
C PHE D 247 -42.93 -17.14 -8.12
N THR D 248 -43.64 -16.01 -8.10
CA THR D 248 -45.02 -15.95 -8.55
C THR D 248 -45.13 -14.84 -9.60
N LEU D 249 -44.05 -14.63 -10.34
CA LEU D 249 -44.03 -13.62 -11.38
C LEU D 249 -44.66 -14.30 -12.61
N ARG D 250 -44.94 -13.54 -13.67
CA ARG D 250 -45.57 -14.13 -14.84
C ARG D 250 -44.82 -13.91 -16.15
N LYS D 251 -44.26 -12.71 -16.30
CA LYS D 251 -43.54 -12.36 -17.52
C LYS D 251 -42.03 -12.65 -17.39
N LYS D 252 -41.21 -11.68 -17.73
CA LYS D 252 -39.76 -11.82 -17.64
C LYS D 252 -39.26 -10.63 -16.83
N LEU D 253 -38.15 -10.82 -16.11
CA LEU D 253 -37.58 -9.74 -15.30
C LEU D 253 -36.07 -9.61 -15.47
N VAL D 254 -35.66 -8.86 -16.50
CA VAL D 254 -34.25 -8.63 -16.77
C VAL D 254 -33.96 -7.14 -16.76
N PHE D 255 -32.85 -6.78 -16.11
CA PHE D 255 -32.43 -5.38 -15.99
C PHE D 255 -31.39 -5.06 -17.05
N PRO D 256 -31.47 -3.86 -17.65
CA PRO D 256 -30.54 -3.40 -18.69
C PRO D 256 -29.06 -3.62 -18.35
#